data_7K9Y
#
_entry.id   7K9Y
#
_cell.length_a   179.380
_cell.length_b   107.415
_cell.length_c   71.973
_cell.angle_alpha   90.000
_cell.angle_beta   113.650
_cell.angle_gamma   90.000
#
_symmetry.space_group_name_H-M   'C 1 2 1'
#
loop_
_entity.id
_entity.type
_entity.pdbx_description
1 polymer Trt
2 polymer "DNA (5'-D(*CP*TP*CP*CP*AP*GP*GP*CP*AP*AP*C)-3')"
3 polymer "RNA (5'-R(*UP*UP*GP*CP*CP*UP*GP*GP*AP*G)-3')"
4 polymer "RNA (5'-R(*U*UP*UP*UP*G)-3')"
5 non-polymer "2'-DEOXYADENOSINE 5'-TRIPHOSPHATE"
6 non-polymer 'SULFATE ION'
7 non-polymer 'MAGNESIUM ION'
#
loop_
_entity_poly.entity_id
_entity_poly.type
_entity_poly.pdbx_seq_one_letter_code
_entity_poly.pdbx_strand_id
1 'polypeptide(L)'
;MALLERILARDNLITALKRVEANQGAPGIDGVSTDQLRDYIRAHWSTIHAQLLAGTYRPAPVRRVEIPKPGGGTRQLGIP
TVVDRLIQQAILQELTPIFDPDFSSSSFGFRPGRNAHDAVRQAQGYIQEGYRYVVDMDLEKFFDRVNHDILMSRVARKVK
DKRVLKLIRAYLQAGVMIEGVKVQTEEGTPQGGPLSPLLANILLDDLDKELEKRGLKFCRYADDCNIYVKSLRAGQRVKQ
SIQRFLEKTLKLKVNEEKSAVDRPWKRAFLGFSFTPERKARIRLAPRSIQRLKQRIRQLTNPNWSISMPERIHRVNQYVM
GWIGYFRLVETPSVLQTIEGWIRRRLRLCQWLQWKRVRTRIRELRALGLKETAVMEIANTRKGAWRTTKTPQLHQALGKT
YWTAQGLKSLTQRYFELRQGHHHHHHHH
;
A,D
2 'polydeoxyribonucleotide' (DC)(DT)(DC)(DC)(DA)(DG)(DG)(DC)(DA)(DA)(DC) B,E
3 'polyribonucleotide' UUGCCUGGAG C,F
4 'polyribonucleotide' UUUUG G,H
#
loop_
_chem_comp.id
_chem_comp.type
_chem_comp.name
_chem_comp.formula
A RNA linking ADENOSINE-5'-MONOPHOSPHATE 'C10 H14 N5 O7 P'
C RNA linking CYTIDINE-5'-MONOPHOSPHATE 'C9 H14 N3 O8 P'
DA DNA linking 2'-DEOXYADENOSINE-5'-MONOPHOSPHATE 'C10 H14 N5 O6 P'
DC DNA linking 2'-DEOXYCYTIDINE-5'-MONOPHOSPHATE 'C9 H14 N3 O7 P'
DG DNA linking 2'-DEOXYGUANOSINE-5'-MONOPHOSPHATE 'C10 H14 N5 O7 P'
DT DNA linking THYMIDINE-5'-MONOPHOSPHATE 'C10 H15 N2 O8 P'
DTP non-polymer '2'-DEOXYADENOSINE 5'-TRIPHOSPHATE' 'C10 H16 N5 O12 P3'
G RNA linking GUANOSINE-5'-MONOPHOSPHATE 'C10 H14 N5 O8 P'
MG non-polymer 'MAGNESIUM ION' 'Mg 2'
SO4 non-polymer 'SULFATE ION' 'O4 S -2'
U RNA linking URIDINE-5'-MONOPHOSPHATE 'C9 H13 N2 O9 P'
#
# COMPACT_ATOMS: atom_id res chain seq x y z
N ALA A 2 40.48 19.77 18.31
CA ALA A 2 39.66 18.57 18.62
C ALA A 2 38.19 18.75 18.22
N LEU A 3 37.29 18.10 18.95
CA LEU A 3 35.85 18.03 18.63
C LEU A 3 35.21 19.43 18.62
N LEU A 4 35.65 20.38 19.48
CA LEU A 4 35.07 21.76 19.54
C LEU A 4 35.49 22.60 18.34
N GLU A 5 36.78 22.52 18.01
CA GLU A 5 37.38 23.03 16.76
C GLU A 5 36.64 22.43 15.56
N ARG A 6 36.28 21.15 15.65
CA ARG A 6 35.57 20.41 14.58
C ARG A 6 34.11 20.87 14.50
N ILE A 7 33.57 21.40 15.61
CA ILE A 7 32.21 21.97 15.72
C ILE A 7 32.22 23.40 15.16
N LEU A 8 33.27 24.18 15.42
CA LEU A 8 33.40 25.60 14.97
C LEU A 8 34.00 25.73 13.55
N ALA A 9 34.12 24.62 12.82
CA ALA A 9 34.60 24.59 11.42
C ALA A 9 33.58 25.29 10.51
N ARG A 10 34.08 26.11 9.59
CA ARG A 10 33.30 26.97 8.66
C ARG A 10 32.17 26.21 7.96
N ASP A 11 32.45 25.03 7.41
CA ASP A 11 31.49 24.22 6.61
C ASP A 11 30.47 23.51 7.51
N ASN A 12 30.82 23.33 8.78
CA ASN A 12 29.94 22.66 9.76
C ASN A 12 28.98 23.70 10.31
N LEU A 13 29.37 24.98 10.26
CA LEU A 13 28.55 26.11 10.72
C LEU A 13 27.48 26.49 9.68
N ILE A 14 27.85 26.49 8.40
CA ILE A 14 26.96 26.96 7.30
C ILE A 14 25.87 25.91 7.07
N THR A 15 26.19 24.63 7.13
CA THR A 15 25.20 23.53 7.00
C THR A 15 24.24 23.55 8.19
N ALA A 16 24.75 23.86 9.38
CA ALA A 16 23.95 24.03 10.61
C ALA A 16 23.08 25.29 10.51
N LEU A 17 23.62 26.36 9.94
CA LEU A 17 22.91 27.64 9.74
C LEU A 17 21.71 27.41 8.83
N LYS A 18 21.96 26.84 7.66
CA LYS A 18 20.94 26.63 6.58
C LYS A 18 19.81 25.74 7.10
N ARG A 19 20.09 24.85 8.04
CA ARG A 19 19.06 23.99 8.70
C ARG A 19 18.14 24.88 9.54
N VAL A 20 18.70 25.69 10.44
CA VAL A 20 17.87 26.54 11.34
C VAL A 20 17.06 27.53 10.50
N GLU A 21 17.67 28.09 9.46
CA GLU A 21 17.01 28.91 8.40
C GLU A 21 15.80 28.19 7.81
N ALA A 22 16.05 26.95 7.35
CA ALA A 22 15.08 26.10 6.61
C ALA A 22 13.87 25.76 7.48
N ASN A 23 14.10 25.45 8.76
CA ASN A 23 13.06 25.11 9.76
C ASN A 23 12.06 26.24 9.93
N GLN A 24 12.55 27.49 9.96
CA GLN A 24 11.72 28.71 10.01
C GLN A 24 11.04 28.74 11.38
N GLY A 25 11.78 28.33 12.40
CA GLY A 25 11.30 28.36 13.78
C GLY A 25 11.07 29.78 14.28
N ALA A 26 10.04 29.95 15.10
CA ALA A 26 9.77 31.20 15.83
C ALA A 26 10.98 31.62 16.64
N PRO A 27 11.18 32.94 16.85
CA PRO A 27 12.36 33.50 17.51
C PRO A 27 12.49 33.18 19.00
N GLY A 28 13.72 33.29 19.52
CA GLY A 28 13.99 32.97 20.93
C GLY A 28 13.69 34.09 21.89
N ILE A 29 14.39 34.11 23.00
CA ILE A 29 14.19 35.16 24.06
C ILE A 29 14.53 36.52 23.43
N ASP A 30 15.56 36.56 22.60
CA ASP A 30 16.04 37.83 21.99
C ASP A 30 14.94 38.42 21.11
N GLY A 31 14.32 37.59 20.28
CA GLY A 31 13.22 38.01 19.41
C GLY A 31 13.71 38.01 17.99
N VAL A 32 15.00 37.73 17.82
CA VAL A 32 15.67 37.69 16.49
C VAL A 32 15.30 36.36 15.81
N SER A 33 14.75 36.50 14.60
CA SER A 33 14.18 35.40 13.78
C SER A 33 15.24 34.68 12.97
N THR A 34 14.79 33.67 12.22
CA THR A 34 15.61 32.87 11.27
C THR A 34 15.99 33.75 10.09
N ASP A 35 15.17 34.77 9.80
CA ASP A 35 15.34 35.66 8.63
C ASP A 35 16.54 36.59 8.85
N GLN A 36 16.74 36.98 10.11
CA GLN A 36 17.79 37.91 10.61
C GLN A 36 19.03 37.14 11.02
N LEU A 37 19.03 35.80 10.99
CA LEU A 37 20.11 34.94 11.56
C LEU A 37 21.40 35.05 10.73
N ARG A 38 21.30 34.99 9.39
CA ARG A 38 22.43 35.15 8.46
C ARG A 38 23.15 36.49 8.69
N ASP A 39 22.39 37.59 8.71
CA ASP A 39 22.94 38.97 8.91
C ASP A 39 23.48 39.09 10.33
N TYR A 40 22.84 38.39 11.27
CA TYR A 40 23.13 38.52 12.72
C TYR A 40 24.50 37.94 13.03
N ILE A 41 24.75 36.69 12.63
CA ILE A 41 25.98 35.94 13.02
C ILE A 41 27.20 36.55 12.31
N ARG A 42 27.04 37.03 11.07
CA ARG A 42 28.14 37.72 10.34
C ARG A 42 28.68 38.88 11.17
N ALA A 43 27.81 39.51 11.98
CA ALA A 43 28.13 40.71 12.77
C ALA A 43 28.86 40.35 14.06
N HIS A 44 28.47 39.23 14.66
CA HIS A 44 28.84 38.83 16.06
C HIS A 44 29.67 37.54 16.13
N TRP A 45 30.13 37.00 15.01
CA TRP A 45 30.81 35.68 14.98
C TRP A 45 32.19 35.73 15.63
N SER A 46 32.98 36.73 15.26
CA SER A 46 34.34 36.97 15.79
C SER A 46 34.27 37.02 17.31
N THR A 47 33.18 37.55 17.86
CA THR A 47 32.88 37.56 19.32
C THR A 47 32.43 36.17 19.82
N ILE A 48 31.34 35.65 19.26
CA ILE A 48 30.65 34.39 19.68
C ILE A 48 31.66 33.24 19.64
N HIS A 49 32.29 33.04 18.48
CA HIS A 49 33.38 32.06 18.23
C HIS A 49 34.42 32.10 19.35
N ALA A 50 34.92 33.30 19.61
CA ALA A 50 36.00 33.61 20.58
C ALA A 50 35.56 33.25 21.99
N GLN A 51 34.41 33.76 22.43
CA GLN A 51 33.97 33.65 23.84
C GLN A 51 33.57 32.21 24.17
N LEU A 52 33.29 31.35 23.19
CA LEU A 52 32.99 29.92 23.48
C LEU A 52 34.18 29.02 23.13
N LEU A 53 35.12 29.55 22.34
CA LEU A 53 36.50 28.97 22.27
C LEU A 53 37.23 29.25 23.59
N ALA A 54 36.86 30.33 24.28
CA ALA A 54 37.55 30.82 25.49
C ALA A 54 36.88 30.24 26.74
N GLY A 55 35.72 29.58 26.57
CA GLY A 55 35.00 28.91 27.67
C GLY A 55 34.29 29.93 28.54
N THR A 56 33.95 31.06 27.95
CA THR A 56 33.30 32.23 28.60
C THR A 56 31.97 32.51 27.89
N TYR A 57 31.45 31.53 27.15
CA TYR A 57 30.18 31.69 26.40
C TYR A 57 29.02 31.07 27.16
N ARG A 58 28.12 31.94 27.61
CA ARG A 58 26.89 31.52 28.31
C ARG A 58 25.75 31.63 27.31
N PRO A 59 25.09 30.51 26.98
CA PRO A 59 23.94 30.58 26.07
C PRO A 59 22.70 31.22 26.71
N ALA A 60 21.81 31.77 25.90
CA ALA A 60 20.58 32.44 26.38
C ALA A 60 19.66 31.37 26.94
N PRO A 61 18.84 31.71 27.97
CA PRO A 61 17.75 30.85 28.43
C PRO A 61 16.68 30.58 27.36
N VAL A 62 16.15 29.36 27.31
CA VAL A 62 15.10 28.97 26.32
C VAL A 62 13.74 29.52 26.74
N ARG A 63 12.89 29.87 25.77
CA ARG A 63 11.61 30.58 25.98
C ARG A 63 10.46 29.59 26.13
N ARG A 64 9.62 29.84 27.12
CA ARG A 64 8.49 28.96 27.50
C ARG A 64 7.32 29.22 26.57
N VAL A 65 6.88 28.16 25.86
CA VAL A 65 5.59 28.16 25.12
C VAL A 65 4.77 26.94 25.54
N GLU A 66 3.48 27.16 25.75
CA GLU A 66 2.47 26.13 26.10
C GLU A 66 1.69 25.75 24.83
N ILE A 67 1.98 24.58 24.29
CA ILE A 67 1.20 23.99 23.16
C ILE A 67 0.40 22.77 23.65
N PRO A 68 -0.88 22.62 23.21
CA PRO A 68 -1.66 21.43 23.56
C PRO A 68 -1.22 20.18 22.78
N LYS A 69 -1.20 19.04 23.47
CA LYS A 69 -0.77 17.74 22.89
C LYS A 69 -2.02 16.94 22.53
N PRO A 70 -1.95 16.10 21.46
CA PRO A 70 -3.11 15.29 21.01
C PRO A 70 -3.89 14.60 22.15
N GLY A 71 -3.14 14.20 23.19
CA GLY A 71 -3.71 13.61 24.41
C GLY A 71 -4.61 14.57 25.15
N GLY A 72 -4.24 15.85 25.16
CA GLY A 72 -4.99 16.92 25.84
C GLY A 72 -4.10 17.63 26.84
N GLY A 73 -2.91 17.11 27.11
CA GLY A 73 -1.91 17.73 27.99
C GLY A 73 -1.28 18.98 27.39
N THR A 74 -0.71 19.82 28.24
CA THR A 74 0.01 21.04 27.81
C THR A 74 1.49 20.72 27.71
N ARG A 75 2.00 20.62 26.50
CA ARG A 75 3.45 20.37 26.25
C ARG A 75 4.23 21.68 26.47
N GLN A 76 5.11 21.71 27.48
CA GLN A 76 6.00 22.86 27.72
C GLN A 76 7.17 22.78 26.73
N LEU A 77 7.16 23.63 25.70
CA LEU A 77 8.25 23.63 24.70
C LEU A 77 9.39 24.54 25.15
N GLY A 78 10.62 24.15 24.84
CA GLY A 78 11.81 24.99 25.05
C GLY A 78 12.26 25.54 23.72
N ILE A 79 12.31 26.86 23.57
CA ILE A 79 12.76 27.50 22.30
C ILE A 79 14.06 28.25 22.56
N PRO A 80 15.22 27.76 22.07
CA PRO A 80 16.48 28.48 22.22
C PRO A 80 16.56 29.65 21.25
N THR A 81 17.48 30.58 21.51
CA THR A 81 17.82 31.71 20.63
C THR A 81 18.31 31.15 19.30
N VAL A 82 18.05 31.82 18.19
CA VAL A 82 18.41 31.29 16.84
C VAL A 82 19.90 30.92 16.79
N VAL A 83 20.75 31.69 17.47
CA VAL A 83 22.22 31.42 17.58
C VAL A 83 22.43 30.10 18.34
N ASP A 84 21.73 29.96 19.47
CA ASP A 84 21.77 28.77 20.36
C ASP A 84 21.27 27.54 19.60
N ARG A 85 20.29 27.74 18.72
CA ARG A 85 19.79 26.67 17.84
C ARG A 85 20.85 26.32 16.81
N LEU A 86 21.52 27.35 16.27
CA LEU A 86 22.62 27.19 15.27
C LEU A 86 23.78 26.41 15.89
N ILE A 87 24.18 26.78 17.10
CA ILE A 87 25.30 26.15 17.85
C ILE A 87 24.95 24.69 18.14
N GLN A 88 23.77 24.48 18.75
CA GLN A 88 23.31 23.13 19.18
C GLN A 88 23.26 22.20 17.98
N GLN A 89 22.88 22.75 16.83
CA GLN A 89 22.89 22.00 15.54
C GLN A 89 24.33 21.60 15.18
N ALA A 90 25.27 22.54 15.30
CA ALA A 90 26.71 22.33 14.99
C ALA A 90 27.34 21.33 15.96
N ILE A 91 26.82 21.20 17.18
CA ILE A 91 27.25 20.17 18.16
C ILE A 91 26.70 18.81 17.70
N LEU A 92 25.39 18.77 17.48
CA LEU A 92 24.64 17.57 17.04
C LEU A 92 25.32 16.93 15.82
N GLN A 93 25.60 17.75 14.81
CA GLN A 93 26.12 17.29 13.49
C GLN A 93 27.42 16.50 13.66
N GLU A 94 28.23 16.85 14.66
CA GLU A 94 29.55 16.20 14.89
C GLU A 94 29.43 15.17 16.01
N LEU A 95 28.37 15.24 16.82
CA LEU A 95 28.14 14.28 17.93
C LEU A 95 27.44 13.01 17.40
N THR A 96 26.66 13.12 16.33
CA THR A 96 25.92 11.98 15.74
C THR A 96 26.88 10.82 15.42
N PRO A 97 27.95 10.99 14.59
CA PRO A 97 28.89 9.90 14.31
C PRO A 97 29.68 9.33 15.50
N ILE A 98 29.79 10.08 16.60
CA ILE A 98 30.41 9.61 17.87
C ILE A 98 29.49 8.56 18.51
N PHE A 99 28.19 8.87 18.61
CA PHE A 99 27.22 8.11 19.44
C PHE A 99 26.37 7.16 18.60
N ASP A 100 25.95 7.54 17.40
CA ASP A 100 24.89 6.84 16.64
C ASP A 100 25.31 5.40 16.38
N PRO A 101 26.52 5.13 15.84
CA PRO A 101 26.92 3.78 15.45
C PRO A 101 26.78 2.71 16.55
N ASP A 102 26.96 3.12 17.80
CA ASP A 102 26.92 2.23 19.00
C ASP A 102 25.53 2.22 19.63
N PHE A 103 24.59 3.00 19.11
CA PHE A 103 23.17 2.92 19.56
C PHE A 103 22.59 1.59 19.08
N SER A 104 21.62 1.06 19.84
CA SER A 104 20.93 -0.22 19.59
C SER A 104 20.41 -0.29 18.15
N SER A 105 20.29 -1.52 17.63
CA SER A 105 19.69 -1.82 16.32
C SER A 105 18.17 -1.73 16.47
N SER A 106 17.68 -1.89 17.70
CA SER A 106 16.25 -1.80 18.08
C SER A 106 15.84 -0.38 18.47
N SER A 107 16.75 0.59 18.35
CA SER A 107 16.50 2.03 18.59
C SER A 107 16.18 2.71 17.26
N PHE A 108 14.97 3.26 17.14
CA PHE A 108 14.43 3.77 15.85
C PHE A 108 14.06 5.26 15.91
N GLY A 109 14.01 5.83 17.11
CA GLY A 109 13.57 7.22 17.31
C GLY A 109 14.71 8.22 17.31
N PHE A 110 14.56 9.30 16.53
CA PHE A 110 15.50 10.44 16.43
C PHE A 110 16.89 10.03 15.89
N ARG A 111 16.95 8.94 15.13
CA ARG A 111 18.22 8.47 14.52
C ARG A 111 18.13 8.57 13.00
N PRO A 112 19.23 8.99 12.32
CA PRO A 112 19.22 9.11 10.86
C PRO A 112 19.26 7.73 10.16
N GLY A 113 18.51 7.61 9.06
CA GLY A 113 18.35 6.37 8.25
C GLY A 113 17.34 5.42 8.84
N ARG A 114 16.62 5.82 9.88
CA ARG A 114 15.70 4.95 10.67
C ARG A 114 14.39 5.68 10.96
N ASN A 115 13.28 5.10 10.56
CA ASN A 115 11.93 5.73 10.61
C ASN A 115 10.98 4.89 11.46
N ALA A 116 9.73 5.35 11.59
CA ALA A 116 8.65 4.64 12.30
C ALA A 116 8.32 3.32 11.60
N HIS A 117 8.46 3.27 10.27
CA HIS A 117 8.15 2.05 9.48
C HIS A 117 9.10 0.91 9.88
N ASP A 118 10.36 1.22 10.14
CA ASP A 118 11.39 0.24 10.59
C ASP A 118 11.01 -0.34 11.96
N ALA A 119 10.47 0.51 12.84
CA ALA A 119 10.02 0.13 14.20
C ALA A 119 8.77 -0.76 14.13
N VAL A 120 7.84 -0.46 13.23
CA VAL A 120 6.56 -1.21 13.11
C VAL A 120 6.81 -2.56 12.41
N ARG A 121 7.64 -2.58 11.38
CA ARG A 121 7.97 -3.84 10.64
C ARG A 121 8.66 -4.85 11.57
N GLN A 122 9.55 -4.38 12.43
CA GLN A 122 10.24 -5.24 13.44
C GLN A 122 9.23 -5.71 14.51
N ALA A 123 8.38 -4.79 14.95
CA ALA A 123 7.28 -5.04 15.91
C ALA A 123 6.29 -6.09 15.40
N GLN A 124 5.86 -6.01 14.14
CA GLN A 124 4.99 -7.06 13.52
C GLN A 124 5.75 -8.38 13.52
N GLY A 125 7.06 -8.37 13.27
CA GLY A 125 7.89 -9.58 13.36
C GLY A 125 7.69 -10.32 14.68
N TYR A 126 7.62 -9.58 15.78
CA TYR A 126 7.49 -10.15 17.14
C TYR A 126 6.15 -10.84 17.35
N ILE A 127 5.07 -10.24 16.87
CA ILE A 127 3.72 -10.83 17.01
C ILE A 127 3.58 -11.85 15.89
N GLN A 128 4.42 -11.74 14.85
CA GLN A 128 4.41 -12.69 13.70
C GLN A 128 4.97 -14.06 14.11
N GLU A 129 6.12 -14.04 14.80
CA GLU A 129 6.92 -15.19 15.30
C GLU A 129 6.44 -15.81 16.60
N GLY A 130 5.28 -15.45 17.14
CA GLY A 130 4.70 -16.06 18.35
C GLY A 130 4.76 -15.22 19.63
N TYR A 131 5.40 -14.03 19.62
CA TYR A 131 5.46 -13.14 20.82
C TYR A 131 4.23 -12.22 20.82
N ARG A 132 3.07 -12.81 21.12
CA ARG A 132 1.72 -12.25 20.86
C ARG A 132 1.20 -11.44 22.06
N TYR A 133 2.11 -11.02 22.94
CA TYR A 133 1.88 -10.02 24.01
C TYR A 133 3.02 -9.00 24.01
N VAL A 134 2.64 -7.72 24.02
CA VAL A 134 3.60 -6.58 24.08
C VAL A 134 3.43 -5.81 25.40
N VAL A 135 4.56 -5.33 25.90
CA VAL A 135 4.64 -4.50 27.14
C VAL A 135 4.97 -3.09 26.68
N ASP A 136 3.95 -2.35 26.25
CA ASP A 136 4.14 -0.96 25.77
C ASP A 136 4.44 -0.04 26.95
N MET A 137 5.36 0.91 26.73
CA MET A 137 5.84 1.82 27.80
C MET A 137 6.12 3.22 27.25
N ASP A 138 5.90 4.20 28.13
CA ASP A 138 6.09 5.65 27.89
C ASP A 138 6.50 6.32 29.21
N LEU A 139 7.37 7.32 29.14
CA LEU A 139 7.83 8.02 30.35
C LEU A 139 7.07 9.34 30.53
N GLU A 140 6.83 9.71 31.79
CA GLU A 140 6.14 10.98 32.15
C GLU A 140 7.07 12.16 31.84
N LYS A 141 6.64 13.07 30.97
CA LYS A 141 7.35 14.34 30.68
C LYS A 141 8.85 14.06 30.49
N PHE A 142 9.14 13.16 29.56
CA PHE A 142 10.48 12.52 29.38
C PHE A 142 11.60 13.56 29.26
N PHE A 143 11.46 14.52 28.35
CA PHE A 143 12.50 15.58 28.13
C PHE A 143 12.62 16.52 29.34
N ASP A 144 11.52 16.77 30.04
CA ASP A 144 11.47 17.68 31.22
C ASP A 144 12.16 17.08 32.44
N ARG A 145 12.16 15.75 32.56
CA ARG A 145 12.68 15.00 33.74
C ARG A 145 14.14 14.54 33.59
N VAL A 146 14.68 14.50 32.37
CA VAL A 146 16.05 13.98 32.06
C VAL A 146 17.06 14.50 33.09
N ASN A 147 17.84 13.59 33.65
CA ASN A 147 18.73 13.90 34.80
C ASN A 147 20.08 14.38 34.29
N HIS A 148 20.47 15.60 34.66
CA HIS A 148 21.71 16.32 34.23
C HIS A 148 22.97 15.51 34.52
N ASP A 149 23.07 14.92 35.71
CA ASP A 149 24.34 14.30 36.18
C ASP A 149 24.49 12.94 35.46
N ILE A 150 23.39 12.20 35.39
CA ILE A 150 23.33 10.85 34.76
C ILE A 150 23.51 10.98 33.26
N LEU A 151 22.97 12.04 32.66
CA LEU A 151 23.10 12.32 31.20
C LEU A 151 24.56 12.62 30.86
N MET A 152 25.14 13.62 31.51
CA MET A 152 26.52 14.10 31.23
C MET A 152 27.56 13.00 31.52
N SER A 153 27.29 12.12 32.47
CA SER A 153 28.07 10.89 32.74
C SER A 153 28.09 10.01 31.50
N ARG A 154 26.95 9.79 30.86
CA ARG A 154 26.81 8.96 29.62
C ARG A 154 27.49 9.65 28.44
N VAL A 155 27.37 10.98 28.41
CA VAL A 155 27.93 11.86 27.34
C VAL A 155 29.45 11.84 27.46
N ALA A 156 29.98 11.97 28.67
CA ALA A 156 31.43 12.06 28.98
C ALA A 156 32.18 10.75 28.67
N ARG A 157 31.49 9.61 28.66
CA ARG A 157 32.04 8.26 28.36
C ARG A 157 32.91 8.25 27.10
N LYS A 158 32.36 8.70 25.97
CA LYS A 158 33.07 8.71 24.67
C LYS A 158 33.72 10.06 24.42
N VAL A 159 32.97 11.13 24.68
CA VAL A 159 33.40 12.54 24.42
C VAL A 159 34.48 12.93 25.43
N LYS A 160 35.72 13.02 24.98
CA LYS A 160 36.91 13.22 25.85
C LYS A 160 37.26 14.70 25.97
N ASP A 161 36.89 15.50 24.96
CA ASP A 161 37.09 16.96 24.91
C ASP A 161 36.29 17.62 26.04
N LYS A 162 37.00 18.24 26.99
CA LYS A 162 36.40 18.79 28.25
C LYS A 162 35.61 20.06 27.91
N ARG A 163 36.01 20.74 26.83
CA ARG A 163 35.42 22.02 26.39
C ARG A 163 33.96 21.84 25.97
N VAL A 164 33.63 20.75 25.27
CA VAL A 164 32.24 20.47 24.79
C VAL A 164 31.35 20.04 25.95
N LEU A 165 31.89 19.28 26.92
CA LEU A 165 31.12 18.78 28.09
C LEU A 165 30.63 19.96 28.93
N LYS A 166 31.51 20.96 29.08
CA LYS A 166 31.24 22.26 29.74
C LYS A 166 30.16 23.00 28.94
N LEU A 167 30.32 23.03 27.62
CA LEU A 167 29.40 23.75 26.70
C LEU A 167 28.00 23.13 26.76
N ILE A 168 27.93 21.80 26.69
CA ILE A 168 26.64 21.04 26.66
C ILE A 168 25.93 21.21 28.00
N ARG A 169 26.68 21.12 29.11
CA ARG A 169 26.16 21.32 30.48
C ARG A 169 25.59 22.74 30.59
N ALA A 170 26.28 23.73 30.00
CA ALA A 170 25.90 25.15 30.05
C ALA A 170 24.52 25.33 29.41
N TYR A 171 24.29 24.66 28.28
CA TYR A 171 23.00 24.69 27.55
C TYR A 171 21.90 24.00 28.34
N LEU A 172 22.24 22.91 29.04
CA LEU A 172 21.32 22.19 29.95
C LEU A 172 20.98 23.09 31.13
N GLN A 173 22.00 23.78 31.65
CA GLN A 173 21.90 24.60 32.89
C GLN A 173 21.32 26.00 32.58
N ALA A 174 21.25 26.41 31.32
CA ALA A 174 20.70 27.74 30.94
C ALA A 174 19.24 27.81 31.37
N GLY A 175 18.89 28.75 32.24
CA GLY A 175 17.53 28.87 32.78
C GLY A 175 16.57 29.30 31.70
N VAL A 176 15.28 29.28 31.99
CA VAL A 176 14.23 29.66 31.02
C VAL A 176 13.71 31.03 31.43
N MET A 177 12.88 31.60 30.58
CA MET A 177 12.30 32.94 30.83
C MET A 177 10.77 32.85 31.00
N ILE A 178 10.28 33.28 32.15
CA ILE A 178 8.82 33.34 32.42
C ILE A 178 8.52 34.73 32.95
N GLU A 179 7.86 35.54 32.14
CA GLU A 179 7.44 36.92 32.53
C GLU A 179 8.67 37.68 33.04
N GLY A 180 9.80 37.57 32.33
CA GLY A 180 11.01 38.38 32.55
C GLY A 180 11.83 37.95 33.75
N VAL A 181 11.98 36.64 33.98
CA VAL A 181 12.85 36.09 35.05
C VAL A 181 13.39 34.72 34.62
N LYS A 182 14.70 34.53 34.83
CA LYS A 182 15.39 33.24 34.64
C LYS A 182 14.92 32.30 35.75
N VAL A 183 14.47 31.12 35.35
CA VAL A 183 14.11 30.02 36.28
C VAL A 183 15.10 28.90 36.02
N GLN A 184 15.96 28.61 37.01
CA GLN A 184 17.07 27.64 36.90
C GLN A 184 16.48 26.26 36.58
N THR A 185 17.02 25.62 35.54
CA THR A 185 16.67 24.22 35.15
C THR A 185 17.58 23.25 35.89
N GLU A 186 17.02 22.60 36.90
CA GLU A 186 17.67 21.50 37.66
C GLU A 186 17.48 20.19 36.90
N GLU A 187 16.37 20.06 36.16
CA GLU A 187 16.00 18.85 35.41
C GLU A 187 15.64 19.17 33.95
N GLY A 188 16.02 18.27 33.05
CA GLY A 188 15.53 18.26 31.67
C GLY A 188 16.53 18.76 30.66
N THR A 189 16.28 18.38 29.42
CA THR A 189 16.90 18.94 28.19
C THR A 189 15.77 19.66 27.43
N PRO A 190 16.00 20.88 26.90
CA PRO A 190 14.89 21.71 26.42
C PRO A 190 14.08 21.02 25.31
N GLN A 191 12.77 20.87 25.46
CA GLN A 191 11.90 20.40 24.35
C GLN A 191 12.10 21.37 23.19
N GLY A 192 12.47 20.87 22.01
CA GLY A 192 12.73 21.75 20.86
C GLY A 192 14.19 22.19 20.76
N GLY A 193 15.04 21.84 21.73
CA GLY A 193 16.48 22.06 21.59
C GLY A 193 16.99 21.15 20.49
N PRO A 194 17.75 21.60 19.47
CA PRO A 194 18.18 20.68 18.40
C PRO A 194 18.98 19.44 18.84
N LEU A 195 19.83 19.61 19.85
CA LEU A 195 20.75 18.56 20.37
C LEU A 195 19.98 17.58 21.26
N SER A 196 18.87 18.04 21.86
CA SER A 196 18.17 17.35 22.96
C SER A 196 17.71 15.95 22.56
N PRO A 197 17.18 15.74 21.33
CA PRO A 197 16.85 14.38 20.88
C PRO A 197 18.03 13.40 20.81
N LEU A 198 19.26 13.87 20.67
CA LEU A 198 20.46 12.97 20.71
C LEU A 198 20.75 12.56 22.15
N LEU A 199 20.83 13.57 23.01
CA LEU A 199 20.97 13.42 24.49
C LEU A 199 19.94 12.41 25.01
N ALA A 200 18.74 12.41 24.45
CA ALA A 200 17.63 11.54 24.89
C ALA A 200 17.97 10.07 24.61
N ASN A 201 18.60 9.78 23.48
CA ASN A 201 18.96 8.40 23.05
C ASN A 201 20.22 7.96 23.80
N ILE A 202 21.08 8.92 24.15
CA ILE A 202 22.33 8.65 24.93
C ILE A 202 21.94 8.06 26.30
N LEU A 203 20.92 8.64 26.93
CA LEU A 203 20.43 8.22 28.27
C LEU A 203 19.81 6.83 28.16
N LEU A 204 18.92 6.62 27.18
CA LEU A 204 18.18 5.35 27.00
C LEU A 204 18.99 4.32 26.19
N ASP A 205 20.26 4.61 25.89
CA ASP A 205 21.17 3.61 25.28
C ASP A 205 21.49 2.53 26.31
N ASP A 206 21.62 2.90 27.58
CA ASP A 206 21.85 1.92 28.69
C ASP A 206 20.59 1.06 28.91
N LEU A 207 19.41 1.66 28.77
CA LEU A 207 18.12 0.93 28.85
C LEU A 207 18.06 -0.14 27.74
N ASP A 208 18.54 0.20 26.56
CA ASP A 208 18.61 -0.75 25.42
C ASP A 208 19.65 -1.83 25.71
N LYS A 209 20.80 -1.45 26.27
CA LYS A 209 21.91 -2.39 26.59
C LYS A 209 21.46 -3.39 27.67
N GLU A 210 20.66 -2.93 28.64
CA GLU A 210 20.13 -3.79 29.74
C GLU A 210 19.14 -4.79 29.16
N LEU A 211 18.20 -4.32 28.34
CA LEU A 211 17.20 -5.16 27.64
C LEU A 211 17.90 -6.14 26.68
N GLU A 212 18.95 -5.67 26.02
CA GLU A 212 19.81 -6.49 25.11
C GLU A 212 20.56 -7.55 25.91
N LYS A 213 21.02 -7.21 27.12
CA LYS A 213 21.73 -8.15 28.03
C LYS A 213 20.77 -9.25 28.50
N ARG A 214 19.56 -8.81 28.88
CA ARG A 214 18.39 -9.65 29.27
C ARG A 214 17.90 -10.48 28.09
N GLY A 215 18.25 -10.07 26.86
CA GLY A 215 18.04 -10.86 25.63
C GLY A 215 16.59 -10.84 25.19
N LEU A 216 15.99 -9.65 25.24
CA LEU A 216 14.55 -9.41 25.01
C LEU A 216 14.37 -8.88 23.59
N LYS A 217 13.16 -9.06 23.08
CA LYS A 217 12.76 -8.78 21.69
C LYS A 217 11.97 -7.47 21.67
N PHE A 218 12.63 -6.32 21.56
CA PHE A 218 11.99 -4.99 21.77
C PHE A 218 12.12 -4.06 20.56
N CYS A 219 11.32 -2.98 20.57
CA CYS A 219 11.40 -1.86 19.60
C CYS A 219 11.19 -0.54 20.33
N ARG A 220 12.22 0.30 20.36
CA ARG A 220 12.17 1.64 21.00
C ARG A 220 12.10 2.74 19.93
N TYR A 221 11.17 3.66 20.12
CA TYR A 221 11.09 4.95 19.41
C TYR A 221 10.98 5.99 20.51
N ALA A 222 12.08 6.71 20.75
CA ALA A 222 12.18 7.77 21.75
C ALA A 222 11.90 7.19 23.15
N ASP A 223 11.02 7.81 23.93
CA ASP A 223 10.58 7.27 25.24
C ASP A 223 9.60 6.12 25.01
N ASP A 224 8.82 6.20 23.94
CA ASP A 224 7.80 5.17 23.64
C ASP A 224 8.65 3.97 23.31
N CYS A 225 8.67 3.00 24.22
CA CYS A 225 9.51 1.79 24.12
C CYS A 225 8.62 0.61 24.42
N ASN A 226 8.71 -0.46 23.63
CA ASN A 226 7.81 -1.63 23.82
C ASN A 226 8.56 -2.95 23.61
N ILE A 227 8.36 -3.88 24.54
CA ILE A 227 9.03 -5.20 24.55
C ILE A 227 7.98 -6.26 24.24
N TYR A 228 8.34 -7.19 23.35
CA TYR A 228 7.51 -8.35 22.99
C TYR A 228 7.93 -9.61 23.75
N VAL A 229 6.94 -10.22 24.38
CA VAL A 229 7.04 -11.49 25.17
C VAL A 229 5.97 -12.44 24.66
N LYS A 230 6.02 -13.71 25.10
CA LYS A 230 5.11 -14.79 24.62
C LYS A 230 3.84 -14.81 25.47
N SER A 231 3.92 -14.37 26.73
CA SER A 231 2.83 -14.51 27.74
C SER A 231 2.63 -13.21 28.53
N LEU A 232 1.46 -13.04 29.13
CA LEU A 232 1.04 -11.87 29.96
C LEU A 232 1.79 -11.87 31.29
N ARG A 233 2.03 -13.06 31.83
CA ARG A 233 2.73 -13.25 33.11
C ARG A 233 4.18 -12.78 32.97
N ALA A 234 4.85 -13.20 31.89
CA ALA A 234 6.22 -12.81 31.54
C ALA A 234 6.29 -11.30 31.31
N GLY A 235 5.27 -10.74 30.66
CA GLY A 235 5.17 -9.30 30.38
C GLY A 235 4.98 -8.47 31.64
N GLN A 236 4.15 -8.97 32.55
CA GLN A 236 3.86 -8.29 33.84
C GLN A 236 5.07 -8.39 34.76
N ARG A 237 5.81 -9.50 34.68
CA ARG A 237 7.07 -9.72 35.43
C ARG A 237 8.11 -8.66 35.05
N VAL A 238 8.35 -8.50 33.74
CA VAL A 238 9.37 -7.58 33.15
C VAL A 238 8.83 -6.14 33.10
N LYS A 239 7.54 -5.92 33.35
CA LYS A 239 6.95 -4.57 33.43
C LYS A 239 7.50 -3.86 34.66
N GLN A 240 7.55 -4.56 35.79
CA GLN A 240 7.99 -4.01 37.11
C GLN A 240 9.53 -3.91 37.17
N SER A 241 10.22 -4.83 36.51
CA SER A 241 11.66 -5.10 36.65
C SER A 241 12.43 -4.06 35.84
N ILE A 242 11.84 -3.60 34.74
CA ILE A 242 12.38 -2.50 33.88
C ILE A 242 11.99 -1.14 34.48
N GLN A 243 10.77 -1.04 35.01
CA GLN A 243 10.30 0.13 35.79
C GLN A 243 11.24 0.38 36.97
N ARG A 244 11.65 -0.67 37.70
CA ARG A 244 12.66 -0.62 38.80
C ARG A 244 14.03 -0.14 38.28
N PHE A 245 14.39 -0.58 37.07
CA PHE A 245 15.72 -0.36 36.44
C PHE A 245 15.82 1.11 36.08
N LEU A 246 14.84 1.62 35.33
CA LEU A 246 14.90 2.98 34.76
C LEU A 246 14.63 4.02 35.86
N GLU A 247 14.03 3.57 36.97
CA GLU A 247 13.69 4.44 38.12
C GLU A 247 14.96 4.65 38.95
N LYS A 248 15.75 3.58 39.11
CA LYS A 248 16.98 3.57 39.97
C LYS A 248 18.24 4.03 39.21
N THR A 249 18.57 3.37 38.10
CA THR A 249 19.81 3.61 37.30
C THR A 249 19.69 4.95 36.56
N LEU A 250 18.56 5.15 35.89
CA LEU A 250 18.33 6.35 35.05
C LEU A 250 17.55 7.44 35.80
N LYS A 251 16.85 7.10 36.88
CA LYS A 251 16.12 8.07 37.76
C LYS A 251 14.86 8.67 37.10
N LEU A 252 14.17 7.91 36.25
CA LEU A 252 12.94 8.42 35.57
C LEU A 252 11.62 7.72 36.01
N LYS A 253 10.55 8.49 35.99
CA LYS A 253 9.20 7.99 36.35
C LYS A 253 8.40 7.66 35.08
N VAL A 254 7.59 6.60 35.16
CA VAL A 254 6.91 5.96 33.99
C VAL A 254 5.46 6.42 33.93
N ASN A 255 4.97 6.64 32.71
CA ASN A 255 3.59 7.12 32.45
C ASN A 255 2.66 5.91 32.41
N GLU A 256 1.94 5.68 33.52
CA GLU A 256 1.15 4.44 33.74
C GLU A 256 -0.09 4.43 32.86
N GLU A 257 -0.59 5.61 32.46
CA GLU A 257 -1.77 5.74 31.57
C GLU A 257 -1.41 5.24 30.17
N LYS A 258 -0.21 5.59 29.71
CA LYS A 258 0.29 5.21 28.36
C LYS A 258 0.91 3.80 28.41
N SER A 259 1.59 3.48 29.51
CA SER A 259 2.24 2.16 29.71
C SER A 259 1.18 1.09 29.96
N ALA A 260 1.28 -0.05 29.27
CA ALA A 260 0.36 -1.18 29.50
C ALA A 260 0.95 -2.50 29.03
N VAL A 261 0.33 -3.58 29.48
CA VAL A 261 0.70 -4.99 29.16
C VAL A 261 -0.42 -5.64 28.36
N ASP A 262 -1.29 -4.86 27.72
CA ASP A 262 -2.46 -5.38 26.97
C ASP A 262 -1.95 -5.99 25.65
N ARG A 263 -2.86 -6.65 24.92
CA ARG A 263 -2.57 -7.36 23.65
C ARG A 263 -2.31 -6.35 22.55
N PRO A 264 -1.39 -6.66 21.61
CA PRO A 264 -0.88 -5.70 20.62
C PRO A 264 -1.90 -4.91 19.77
N TRP A 265 -2.99 -5.57 19.35
CA TRP A 265 -3.94 -5.04 18.34
C TRP A 265 -5.05 -4.19 18.97
N LYS A 266 -5.08 -4.06 20.30
CA LYS A 266 -6.00 -3.08 20.94
C LYS A 266 -5.20 -1.86 21.40
N ARG A 267 -3.87 -1.98 21.42
CA ARG A 267 -2.97 -0.84 21.73
C ARG A 267 -2.45 -0.17 20.46
N ALA A 268 -2.09 1.11 20.55
CA ALA A 268 -1.57 1.92 19.44
C ALA A 268 -0.05 2.11 19.59
N PHE A 269 0.68 1.90 18.48
CA PHE A 269 2.16 2.00 18.42
C PHE A 269 2.51 2.77 17.16
N LEU A 270 2.93 4.03 17.34
CA LEU A 270 3.41 4.96 16.28
C LEU A 270 2.29 5.20 15.26
N GLY A 271 1.07 5.46 15.71
CA GLY A 271 -0.08 5.80 14.86
C GLY A 271 -0.70 4.60 14.19
N PHE A 272 -0.14 3.42 14.42
CA PHE A 272 -0.65 2.14 13.86
C PHE A 272 -1.18 1.28 15.00
N SER A 273 -2.01 0.32 14.63
CA SER A 273 -2.42 -0.82 15.48
C SER A 273 -2.32 -2.07 14.61
N PHE A 274 -2.63 -3.23 15.19
CA PHE A 274 -2.54 -4.53 14.47
C PHE A 274 -3.93 -5.16 14.40
N THR A 275 -4.01 -6.28 13.69
CA THR A 275 -5.20 -7.17 13.61
C THR A 275 -5.02 -8.34 14.57
N PRO A 276 -6.12 -8.94 15.08
CA PRO A 276 -6.01 -10.11 15.96
C PRO A 276 -5.51 -11.39 15.27
N GLU A 277 -5.22 -11.31 13.97
CA GLU A 277 -4.82 -12.47 13.12
C GLU A 277 -3.47 -13.06 13.55
N ARG A 278 -3.26 -14.34 13.23
CA ARG A 278 -2.00 -15.08 13.50
C ARG A 278 -0.84 -14.46 12.72
N LYS A 279 -1.14 -14.01 11.50
CA LYS A 279 -0.26 -13.14 10.69
C LYS A 279 -0.79 -11.72 10.82
N ALA A 280 -0.42 -11.04 11.90
CA ALA A 280 -1.02 -9.75 12.33
C ALA A 280 -0.75 -8.67 11.29
N ARG A 281 -1.78 -8.29 10.54
CA ARG A 281 -1.72 -7.19 9.55
C ARG A 281 -1.77 -5.85 10.28
N ILE A 282 -1.06 -4.86 9.72
CA ILE A 282 -1.01 -3.48 10.26
C ILE A 282 -2.28 -2.75 9.83
N ARG A 283 -2.94 -2.11 10.79
CA ARG A 283 -4.09 -1.22 10.53
C ARG A 283 -3.85 0.18 11.09
N LEU A 284 -4.63 1.14 10.63
CA LEU A 284 -4.65 2.51 11.19
C LEU A 284 -5.17 2.43 12.61
N ALA A 285 -4.52 3.11 13.56
CA ALA A 285 -5.01 3.23 14.94
C ALA A 285 -6.24 4.14 14.95
N PRO A 286 -7.23 3.90 15.85
CA PRO A 286 -8.47 4.68 15.84
C PRO A 286 -8.23 6.19 15.99
N ARG A 287 -7.23 6.58 16.79
CA ARG A 287 -6.80 8.00 16.90
C ARG A 287 -6.39 8.55 15.53
N SER A 288 -5.54 7.80 14.82
CA SER A 288 -4.96 8.19 13.50
C SER A 288 -6.08 8.45 12.48
N ILE A 289 -7.13 7.63 12.49
CA ILE A 289 -8.35 7.76 11.64
C ILE A 289 -9.10 9.02 12.07
N GLN A 290 -9.29 9.19 13.39
CA GLN A 290 -10.11 10.30 13.94
C GLN A 290 -9.44 11.65 13.66
N ARG A 291 -8.11 11.71 13.75
CA ARG A 291 -7.27 12.89 13.42
C ARG A 291 -7.40 13.27 11.95
N LEU A 292 -7.42 12.29 11.05
CA LEU A 292 -7.66 12.51 9.59
C LEU A 292 -9.07 13.10 9.37
N LYS A 293 -10.07 12.41 9.92
CA LYS A 293 -11.49 12.79 9.75
C LYS A 293 -11.70 14.24 10.21
N GLN A 294 -11.11 14.60 11.37
CA GLN A 294 -11.30 15.90 12.03
C GLN A 294 -10.55 16.98 11.26
N ARG A 295 -9.58 16.59 10.43
CA ARG A 295 -8.80 17.51 9.56
C ARG A 295 -9.54 17.69 8.22
N ILE A 296 -10.20 16.64 7.75
CA ILE A 296 -10.89 16.63 6.43
C ILE A 296 -12.25 17.29 6.58
N ARG A 297 -12.81 17.32 7.80
CA ARG A 297 -14.13 17.94 8.06
C ARG A 297 -14.08 19.43 7.73
N GLN A 298 -12.99 20.12 8.03
CA GLN A 298 -12.91 21.59 7.79
C GLN A 298 -12.12 21.91 6.54
N LEU A 299 -11.50 20.93 5.88
CA LEU A 299 -10.83 21.19 4.58
C LEU A 299 -12.03 21.22 3.67
N THR A 300 -13.00 20.38 4.05
CA THR A 300 -14.36 20.47 3.51
C THR A 300 -14.97 21.69 4.20
N ASN A 301 -15.77 22.45 3.46
CA ASN A 301 -16.30 23.76 3.91
C ASN A 301 -17.36 23.63 4.99
N PRO A 302 -17.13 24.09 6.24
CA PRO A 302 -18.18 24.13 7.24
C PRO A 302 -18.97 25.38 6.83
N ASN A 303 -18.34 26.53 6.98
CA ASN A 303 -18.80 27.85 6.48
C ASN A 303 -17.63 28.55 5.76
N TRP A 304 -16.65 27.75 5.35
CA TRP A 304 -15.34 28.25 4.84
C TRP A 304 -15.40 28.83 3.41
N SER A 305 -14.98 30.08 3.26
CA SER A 305 -15.01 30.81 1.96
C SER A 305 -13.65 30.81 1.23
N ILE A 306 -13.40 29.78 0.42
CA ILE A 306 -12.20 29.74 -0.46
C ILE A 306 -12.65 29.23 -1.82
N SER A 307 -11.77 29.26 -2.82
CA SER A 307 -12.02 28.66 -4.15
C SER A 307 -12.14 27.14 -4.04
N MET A 308 -13.04 26.52 -4.80
CA MET A 308 -13.30 25.05 -4.70
C MET A 308 -12.11 24.29 -5.29
N PRO A 309 -11.59 24.67 -6.48
CA PRO A 309 -10.26 24.21 -6.91
C PRO A 309 -9.13 24.35 -5.87
N GLU A 310 -9.09 25.47 -5.14
CA GLU A 310 -8.12 25.67 -4.03
C GLU A 310 -8.35 24.56 -2.99
N ARG A 311 -9.60 24.41 -2.55
CA ARG A 311 -10.00 23.40 -1.52
C ARG A 311 -9.59 21.99 -1.96
N ILE A 312 -9.74 21.71 -3.25
CA ILE A 312 -9.40 20.39 -3.84
C ILE A 312 -7.88 20.19 -3.76
N HIS A 313 -7.12 21.26 -3.99
CA HIS A 313 -5.63 21.25 -3.89
C HIS A 313 -5.19 21.08 -2.43
N ARG A 314 -5.84 21.78 -1.52
CA ARG A 314 -5.50 21.70 -0.07
C ARG A 314 -5.89 20.32 0.48
N VAL A 315 -7.05 19.82 0.06
CA VAL A 315 -7.55 18.50 0.51
C VAL A 315 -6.60 17.41 -0.01
N ASN A 316 -6.13 17.57 -1.24
CA ASN A 316 -5.27 16.56 -1.92
C ASN A 316 -3.85 16.61 -1.35
N GLN A 317 -3.27 17.80 -1.24
CA GLN A 317 -1.85 17.92 -0.78
C GLN A 317 -1.71 17.33 0.61
N TYR A 318 -2.74 17.45 1.47
CA TYR A 318 -2.71 16.90 2.84
C TYR A 318 -2.89 15.38 2.86
N VAL A 319 -3.95 14.93 2.17
CA VAL A 319 -4.29 13.47 2.05
C VAL A 319 -3.10 12.71 1.46
N MET A 320 -2.53 13.23 0.37
CA MET A 320 -1.40 12.61 -0.36
C MET A 320 -0.16 12.55 0.53
N GLY A 321 0.00 13.56 1.38
CA GLY A 321 1.10 13.60 2.36
C GLY A 321 0.84 12.62 3.48
N TRP A 322 -0.42 12.57 3.93
CA TRP A 322 -0.89 11.71 5.05
C TRP A 322 -0.64 10.25 4.69
N ILE A 323 -1.11 9.80 3.53
CA ILE A 323 -0.99 8.40 3.03
C ILE A 323 0.50 8.04 2.81
N GLY A 324 1.33 9.04 2.50
CA GLY A 324 2.79 8.86 2.35
C GLY A 324 3.37 8.15 3.56
N TYR A 325 2.87 8.51 4.75
CA TYR A 325 3.28 7.94 6.05
C TYR A 325 2.42 6.77 6.51
N PHE A 326 1.17 6.68 6.03
CA PHE A 326 0.22 5.60 6.39
C PHE A 326 0.01 4.69 5.17
N ARG A 327 1.08 4.44 4.42
CA ARG A 327 1.13 3.44 3.31
C ARG A 327 1.48 2.06 3.88
N LEU A 328 1.91 2.01 5.14
CA LEU A 328 2.39 0.77 5.80
C LEU A 328 1.22 -0.21 6.04
N VAL A 329 0.04 0.34 6.35
CA VAL A 329 -1.18 -0.45 6.71
C VAL A 329 -1.53 -1.41 5.56
N GLU A 330 -2.02 -2.59 5.94
CA GLU A 330 -2.21 -3.73 5.01
C GLU A 330 -3.70 -3.98 4.80
N THR A 331 -4.53 -3.00 5.15
CA THR A 331 -6.00 -3.08 4.98
C THR A 331 -6.43 -1.96 4.04
N PRO A 332 -6.54 -2.23 2.72
CA PRO A 332 -7.02 -1.25 1.74
C PRO A 332 -8.50 -0.87 1.90
N SER A 333 -9.33 -1.81 2.35
CA SER A 333 -10.80 -1.63 2.59
C SER A 333 -11.10 -0.34 3.36
N VAL A 334 -10.51 -0.15 4.54
CA VAL A 334 -10.78 1.04 5.38
C VAL A 334 -10.34 2.30 4.63
N LEU A 335 -9.30 2.19 3.81
CA LEU A 335 -8.77 3.31 2.99
C LEU A 335 -9.80 3.66 1.89
N GLN A 336 -10.44 2.65 1.33
CA GLN A 336 -11.48 2.83 0.28
C GLN A 336 -12.70 3.50 0.91
N THR A 337 -13.01 3.14 2.16
CA THR A 337 -14.21 3.67 2.87
C THR A 337 -14.03 5.16 3.15
N ILE A 338 -12.93 5.53 3.78
CA ILE A 338 -12.63 6.94 4.17
C ILE A 338 -12.43 7.82 2.93
N GLU A 339 -11.99 7.24 1.81
CA GLU A 339 -11.86 7.98 0.53
C GLU A 339 -13.25 8.39 0.04
N GLY A 340 -14.19 7.45 0.08
CA GLY A 340 -15.61 7.69 -0.26
C GLY A 340 -16.23 8.70 0.69
N TRP A 341 -15.86 8.61 1.97
CA TRP A 341 -16.33 9.53 3.04
C TRP A 341 -15.78 10.94 2.80
N ILE A 342 -14.54 11.01 2.33
CA ILE A 342 -13.85 12.27 1.90
C ILE A 342 -14.64 12.90 0.74
N ARG A 343 -15.00 12.11 -0.27
CA ARG A 343 -15.79 12.58 -1.43
C ARG A 343 -17.17 13.04 -0.98
N ARG A 344 -17.80 12.25 -0.10
CA ARG A 344 -19.16 12.54 0.45
C ARG A 344 -19.10 13.83 1.27
N ARG A 345 -18.01 14.02 2.00
CA ARG A 345 -17.75 15.25 2.79
C ARG A 345 -17.52 16.42 1.84
N LEU A 346 -16.82 16.17 0.73
CA LEU A 346 -16.50 17.21 -0.28
C LEU A 346 -17.73 17.55 -1.13
N ARG A 347 -18.75 16.70 -1.15
CA ARG A 347 -20.05 16.96 -1.85
C ARG A 347 -20.91 17.98 -1.08
N LEU A 348 -20.84 17.93 0.25
CA LEU A 348 -21.63 18.80 1.16
C LEU A 348 -21.29 20.26 0.91
N CYS A 349 -20.00 20.55 0.81
CA CYS A 349 -19.50 21.93 0.61
C CYS A 349 -19.92 22.43 -0.77
N GLN A 350 -19.90 21.54 -1.75
CA GLN A 350 -20.28 21.87 -3.15
C GLN A 350 -21.80 22.10 -3.22
N TRP A 351 -22.58 21.37 -2.44
CA TRP A 351 -24.07 21.47 -2.41
C TRP A 351 -24.51 22.82 -1.81
N LEU A 352 -23.93 23.17 -0.67
CA LEU A 352 -24.22 24.42 0.08
C LEU A 352 -23.83 25.65 -0.75
N GLN A 353 -22.80 25.50 -1.57
CA GLN A 353 -22.30 26.60 -2.46
C GLN A 353 -23.45 27.05 -3.38
N TRP A 354 -24.28 26.10 -3.83
CA TRP A 354 -25.46 26.39 -4.67
C TRP A 354 -26.60 26.84 -3.75
N LYS A 355 -26.60 28.11 -3.34
CA LYS A 355 -27.52 28.64 -2.31
C LYS A 355 -28.96 28.61 -2.85
N ARG A 356 -29.13 28.97 -4.12
CA ARG A 356 -30.48 29.08 -4.75
C ARG A 356 -30.94 27.69 -5.23
N VAL A 357 -32.26 27.48 -5.18
CA VAL A 357 -32.92 26.28 -5.78
C VAL A 357 -32.79 26.32 -7.30
N ARG A 358 -32.69 27.52 -7.89
CA ARG A 358 -32.57 27.73 -9.35
C ARG A 358 -31.14 27.43 -9.80
N THR A 359 -30.16 27.77 -8.97
CA THR A 359 -28.73 27.54 -9.25
C THR A 359 -28.41 26.05 -9.23
N ARG A 360 -29.04 25.29 -8.32
CA ARG A 360 -28.99 23.81 -8.26
C ARG A 360 -29.41 23.19 -9.59
N ILE A 361 -30.56 23.62 -10.11
CA ILE A 361 -31.24 23.03 -11.31
C ILE A 361 -30.36 23.22 -12.55
N ARG A 362 -29.79 24.41 -12.70
CA ARG A 362 -29.02 24.81 -13.92
C ARG A 362 -27.66 24.12 -13.91
N GLU A 363 -27.04 23.91 -12.76
CA GLU A 363 -25.72 23.23 -12.66
C GLU A 363 -25.88 21.72 -12.89
N LEU A 364 -26.87 21.11 -12.23
CA LEU A 364 -27.11 19.64 -12.27
C LEU A 364 -27.42 19.22 -13.72
N ARG A 365 -28.15 20.08 -14.41
CA ARG A 365 -28.52 19.90 -15.84
C ARG A 365 -27.26 20.00 -16.68
N ALA A 366 -26.36 20.92 -16.31
CA ALA A 366 -25.04 21.16 -16.96
C ALA A 366 -24.13 19.94 -16.78
N LEU A 367 -24.19 19.30 -15.61
CA LEU A 367 -23.35 18.13 -15.22
C LEU A 367 -23.73 16.89 -16.04
N GLY A 368 -24.97 16.83 -16.55
CA GLY A 368 -25.42 15.76 -17.46
C GLY A 368 -26.52 14.91 -16.86
N LEU A 369 -26.91 15.22 -15.62
CA LEU A 369 -27.95 14.45 -14.90
C LEU A 369 -29.31 14.75 -15.52
N LYS A 370 -30.12 13.70 -15.65
CA LYS A 370 -31.47 13.72 -16.30
C LYS A 370 -32.40 14.66 -15.53
N GLU A 371 -33.27 15.37 -16.27
CA GLU A 371 -34.08 16.50 -15.75
C GLU A 371 -35.05 15.99 -14.67
N THR A 372 -35.52 14.76 -14.84
CA THR A 372 -36.37 14.01 -13.86
C THR A 372 -35.72 14.03 -12.48
N ALA A 373 -34.45 13.61 -12.40
CA ALA A 373 -33.72 13.52 -11.11
C ALA A 373 -33.31 14.92 -10.65
N VAL A 374 -33.13 15.87 -11.58
CA VAL A 374 -32.65 17.25 -11.26
C VAL A 374 -33.70 17.95 -10.41
N MET A 375 -34.99 17.83 -10.74
CA MET A 375 -36.06 18.57 -10.04
C MET A 375 -36.44 17.86 -8.73
N GLU A 376 -36.22 16.56 -8.62
CA GLU A 376 -36.59 15.80 -7.41
C GLU A 376 -35.71 16.19 -6.22
N ILE A 377 -34.39 16.05 -6.35
CA ILE A 377 -33.42 16.22 -5.23
C ILE A 377 -33.28 17.71 -4.88
N ALA A 378 -33.35 18.58 -5.89
CA ALA A 378 -33.26 20.05 -5.72
C ALA A 378 -34.29 20.54 -4.70
N ASN A 379 -35.50 19.97 -4.73
CA ASN A 379 -36.62 20.43 -3.88
C ASN A 379 -36.68 19.55 -2.63
N THR A 380 -35.59 18.86 -2.29
CA THR A 380 -35.55 18.01 -1.06
C THR A 380 -35.78 18.87 0.19
N ARG A 381 -36.55 18.34 1.14
CA ARG A 381 -36.76 19.01 2.45
C ARG A 381 -35.82 18.40 3.50
N LYS A 382 -35.03 17.42 3.11
CA LYS A 382 -34.10 16.74 4.05
C LYS A 382 -32.83 17.57 4.18
N GLY A 383 -32.07 17.28 5.23
CA GLY A 383 -30.87 18.02 5.63
C GLY A 383 -29.76 17.98 4.59
N ALA A 384 -28.77 18.85 4.77
CA ALA A 384 -27.57 18.98 3.92
C ALA A 384 -26.78 17.66 3.84
N TRP A 385 -26.45 17.09 4.99
CA TRP A 385 -25.68 15.82 5.09
C TRP A 385 -26.52 14.63 4.59
N ARG A 386 -27.83 14.74 4.70
CA ARG A 386 -28.80 13.73 4.22
C ARG A 386 -28.87 13.75 2.69
N THR A 387 -28.86 14.93 2.09
CA THR A 387 -28.88 15.13 0.60
C THR A 387 -27.57 14.67 -0.07
N THR A 388 -26.45 14.78 0.64
CA THR A 388 -25.11 14.37 0.16
C THR A 388 -25.03 12.86 -0.10
N LYS A 389 -25.83 12.08 0.61
CA LYS A 389 -25.84 10.59 0.55
C LYS A 389 -27.04 10.05 -0.24
N THR A 390 -27.67 10.87 -1.10
CA THR A 390 -28.83 10.48 -1.95
C THR A 390 -28.36 9.96 -3.30
N PRO A 391 -29.08 8.99 -3.92
CA PRO A 391 -28.70 8.44 -5.22
C PRO A 391 -28.31 9.44 -6.32
N GLN A 392 -28.96 10.62 -6.30
CA GLN A 392 -28.82 11.67 -7.34
C GLN A 392 -27.43 12.31 -7.26
N LEU A 393 -27.02 12.69 -6.05
CA LEU A 393 -25.77 13.47 -5.83
C LEU A 393 -24.55 12.55 -5.94
N HIS A 394 -24.73 11.24 -5.74
CA HIS A 394 -23.71 10.20 -6.05
C HIS A 394 -23.51 10.12 -7.57
N GLN A 395 -24.60 10.18 -8.34
CA GLN A 395 -24.58 10.02 -9.82
C GLN A 395 -23.93 11.25 -10.46
N ALA A 396 -24.41 12.44 -10.12
CA ALA A 396 -23.93 13.73 -10.66
C ALA A 396 -22.51 14.01 -10.15
N LEU A 397 -22.33 13.92 -8.84
CA LEU A 397 -21.00 14.19 -8.24
C LEU A 397 -20.64 12.85 -7.63
N GLY A 398 -19.74 12.14 -8.28
CA GLY A 398 -19.36 10.76 -7.93
C GLY A 398 -17.88 10.68 -8.15
N LYS A 399 -17.32 9.47 -8.19
CA LYS A 399 -15.85 9.25 -8.30
C LYS A 399 -15.33 9.88 -9.59
N THR A 400 -16.06 9.70 -10.69
CA THR A 400 -15.74 10.27 -12.02
C THR A 400 -15.55 11.78 -11.93
N TYR A 401 -16.47 12.45 -11.25
CA TYR A 401 -16.59 13.93 -11.20
C TYR A 401 -15.38 14.51 -10.48
N TRP A 402 -15.10 14.01 -9.28
CA TRP A 402 -14.07 14.57 -8.37
C TRP A 402 -12.68 14.31 -8.94
N THR A 403 -12.51 13.14 -9.56
CA THR A 403 -11.23 12.72 -10.19
C THR A 403 -10.96 13.59 -11.41
N ALA A 404 -12.01 13.96 -12.16
CA ALA A 404 -11.94 14.90 -13.31
C ALA A 404 -11.74 16.35 -12.82
N GLN A 405 -12.31 16.69 -11.67
CA GLN A 405 -12.20 18.03 -11.03
C GLN A 405 -10.82 18.20 -10.40
N GLY A 406 -9.97 17.19 -10.47
CA GLY A 406 -8.55 17.26 -10.07
C GLY A 406 -8.26 16.62 -8.73
N LEU A 407 -9.25 15.96 -8.11
CA LEU A 407 -9.05 15.27 -6.81
C LEU A 407 -8.17 14.03 -6.98
N LYS A 408 -7.14 13.92 -6.13
CA LYS A 408 -6.17 12.79 -6.16
C LYS A 408 -6.75 11.62 -5.37
N SER A 409 -6.76 10.43 -5.98
CA SER A 409 -7.33 9.21 -5.38
C SER A 409 -6.39 8.72 -4.28
N LEU A 410 -6.94 8.57 -3.08
CA LEU A 410 -6.21 8.11 -1.87
C LEU A 410 -5.68 6.70 -2.11
N THR A 411 -6.59 5.78 -2.45
CA THR A 411 -6.30 4.33 -2.64
C THR A 411 -5.31 4.12 -3.79
N GLN A 412 -5.49 4.86 -4.88
CA GLN A 412 -4.63 4.77 -6.08
C GLN A 412 -3.17 4.97 -5.67
N ARG A 413 -2.90 6.05 -4.94
CA ARG A 413 -1.53 6.43 -4.53
C ARG A 413 -1.00 5.50 -3.45
N TYR A 414 -1.89 4.99 -2.61
CA TYR A 414 -1.56 3.96 -1.59
C TYR A 414 -0.87 2.77 -2.26
N PHE A 415 -1.41 2.32 -3.39
CA PHE A 415 -0.90 1.15 -4.16
C PHE A 415 0.38 1.55 -4.90
N GLU A 416 0.36 2.75 -5.48
CA GLU A 416 1.50 3.30 -6.28
C GLU A 416 2.76 3.35 -5.41
N LEU A 417 2.59 3.75 -4.16
CA LEU A 417 3.72 3.84 -3.19
C LEU A 417 4.19 2.44 -2.78
N ARG A 418 3.23 1.57 -2.43
CA ARG A 418 3.53 0.21 -1.92
C ARG A 418 4.27 -0.56 -3.02
N GLN A 419 3.77 -0.52 -4.26
CA GLN A 419 4.21 -1.40 -5.37
C GLN A 419 5.71 -1.22 -5.64
N GLY A 420 6.15 0.03 -5.79
CA GLY A 420 7.54 0.37 -6.17
C GLY A 420 8.53 0.12 -5.04
N HIS A 421 8.11 0.43 -3.80
CA HIS A 421 9.01 0.50 -2.61
C HIS A 421 9.45 -0.91 -2.16
N HIS A 422 8.51 -1.85 -2.02
CA HIS A 422 8.83 -3.24 -1.59
C HIS A 422 9.45 -4.02 -2.75
N HIS A 423 9.37 -3.49 -3.98
CA HIS A 423 10.18 -3.99 -5.14
C HIS A 423 11.66 -3.69 -4.87
N HIS A 424 11.96 -2.56 -4.22
CA HIS A 424 13.34 -2.09 -3.90
C HIS A 424 13.91 -2.95 -2.76
N HIS A 425 13.42 -2.73 -1.52
CA HIS A 425 14.00 -3.29 -0.27
C HIS A 425 14.28 -4.78 -0.48
N HIS A 426 13.28 -5.49 -1.00
CA HIS A 426 13.34 -6.94 -1.33
C HIS A 426 14.25 -7.13 -2.55
N ALA D 2 -39.79 -21.31 -22.20
CA ALA D 2 -38.70 -20.79 -23.03
C ALA D 2 -37.39 -20.65 -22.24
N LEU D 3 -36.54 -19.71 -22.66
CA LEU D 3 -35.16 -19.54 -22.14
C LEU D 3 -35.18 -19.24 -20.64
N LEU D 4 -36.17 -18.50 -20.13
CA LEU D 4 -36.24 -18.13 -18.69
C LEU D 4 -36.63 -19.32 -17.82
N GLU D 5 -37.64 -20.06 -18.26
CA GLU D 5 -38.02 -21.40 -17.75
C GLU D 5 -36.80 -22.32 -17.79
N ARG D 6 -35.99 -22.25 -18.85
CA ARG D 6 -34.77 -23.07 -19.02
C ARG D 6 -33.66 -22.62 -18.07
N ILE D 7 -33.72 -21.36 -17.65
CA ILE D 7 -32.79 -20.75 -16.66
C ILE D 7 -33.23 -21.14 -15.24
N LEU D 8 -34.53 -21.18 -14.97
CA LEU D 8 -35.12 -21.52 -13.64
C LEU D 8 -35.32 -23.04 -13.43
N ALA D 9 -34.75 -23.87 -14.33
CA ALA D 9 -34.78 -25.34 -14.23
C ALA D 9 -33.96 -25.80 -13.02
N ARG D 10 -34.50 -26.74 -12.26
CA ARG D 10 -33.95 -27.31 -11.00
C ARG D 10 -32.43 -27.59 -11.08
N ASP D 11 -32.00 -28.34 -12.11
CA ASP D 11 -30.60 -28.83 -12.26
C ASP D 11 -29.69 -27.72 -12.81
N ASN D 12 -30.26 -26.69 -13.40
CA ASN D 12 -29.49 -25.52 -13.90
C ASN D 12 -29.25 -24.59 -12.73
N LEU D 13 -30.10 -24.66 -11.72
CA LEU D 13 -29.98 -23.83 -10.49
C LEU D 13 -28.94 -24.42 -9.53
N ILE D 14 -28.93 -25.75 -9.38
CA ILE D 14 -28.05 -26.44 -8.39
C ILE D 14 -26.60 -26.40 -8.90
N THR D 15 -26.38 -26.56 -10.20
CA THR D 15 -25.03 -26.47 -10.80
C THR D 15 -24.51 -25.04 -10.68
N ALA D 16 -25.40 -24.05 -10.83
CA ALA D 16 -25.10 -22.62 -10.66
C ALA D 16 -24.82 -22.31 -9.18
N LEU D 17 -25.59 -22.93 -8.29
CA LEU D 17 -25.45 -22.76 -6.82
C LEU D 17 -24.06 -23.26 -6.40
N LYS D 18 -23.73 -24.50 -6.76
CA LYS D 18 -22.47 -25.19 -6.36
C LYS D 18 -21.25 -24.42 -6.86
N ARG D 19 -21.38 -23.71 -7.98
CA ARG D 19 -20.31 -22.87 -8.52
C ARG D 19 -20.08 -21.68 -7.60
N VAL D 20 -21.13 -20.93 -7.25
CA VAL D 20 -20.97 -19.73 -6.39
C VAL D 20 -20.45 -20.15 -5.01
N GLU D 21 -20.95 -21.28 -4.49
CA GLU D 21 -20.44 -21.97 -3.28
C GLU D 21 -18.93 -22.23 -3.37
N ALA D 22 -18.51 -22.87 -4.48
CA ALA D 22 -17.13 -23.35 -4.73
C ALA D 22 -16.15 -22.16 -4.84
N ASN D 23 -16.56 -21.07 -5.48
CA ASN D 23 -15.75 -19.82 -5.64
C ASN D 23 -15.38 -19.23 -4.28
N GLN D 24 -16.32 -19.24 -3.32
CA GLN D 24 -16.13 -18.80 -1.93
C GLN D 24 -15.90 -17.29 -1.98
N GLY D 25 -16.66 -16.61 -2.83
CA GLY D 25 -16.63 -15.15 -2.95
C GLY D 25 -17.17 -14.47 -1.70
N ALA D 26 -16.56 -13.36 -1.33
CA ALA D 26 -17.04 -12.48 -0.24
C ALA D 26 -18.48 -12.06 -0.51
N PRO D 27 -19.26 -11.80 0.57
CA PRO D 27 -20.70 -11.52 0.50
C PRO D 27 -21.09 -10.22 -0.20
N GLY D 28 -22.34 -10.15 -0.65
CA GLY D 28 -22.84 -8.99 -1.42
C GLY D 28 -23.25 -7.81 -0.58
N ILE D 29 -24.17 -7.02 -1.09
CA ILE D 29 -24.75 -5.89 -0.32
C ILE D 29 -25.44 -6.47 0.91
N ASP D 30 -26.08 -7.63 0.74
CA ASP D 30 -26.80 -8.31 1.84
C ASP D 30 -25.87 -8.55 3.04
N GLY D 31 -24.74 -9.21 2.81
CA GLY D 31 -23.77 -9.54 3.84
C GLY D 31 -23.83 -11.04 4.01
N VAL D 32 -24.82 -11.65 3.36
CA VAL D 32 -25.03 -13.12 3.35
C VAL D 32 -23.99 -13.77 2.44
N SER D 33 -23.26 -14.72 3.03
CA SER D 33 -22.09 -15.40 2.46
C SER D 33 -22.50 -16.59 1.58
N THR D 34 -21.47 -17.23 1.00
CA THR D 34 -21.59 -18.45 0.16
C THR D 34 -21.99 -19.61 1.05
N ASP D 35 -21.64 -19.53 2.33
CA ASP D 35 -21.84 -20.61 3.33
C ASP D 35 -23.33 -20.73 3.68
N GLN D 36 -24.01 -19.57 3.68
CA GLN D 36 -25.43 -19.38 4.03
C GLN D 36 -26.31 -19.47 2.78
N LEU D 37 -25.73 -19.61 1.58
CA LEU D 37 -26.46 -19.48 0.28
C LEU D 37 -27.43 -20.65 0.06
N ARG D 38 -27.00 -21.89 0.32
CA ARG D 38 -27.84 -23.11 0.22
C ARG D 38 -29.08 -22.97 1.11
N ASP D 39 -28.88 -22.64 2.37
CA ASP D 39 -29.98 -22.52 3.37
C ASP D 39 -30.84 -21.30 3.03
N TYR D 40 -30.22 -20.28 2.45
CA TYR D 40 -30.86 -18.97 2.17
C TYR D 40 -31.91 -19.14 1.07
N ILE D 41 -31.51 -19.69 -0.08
CA ILE D 41 -32.40 -19.78 -1.28
C ILE D 41 -33.53 -20.77 -1.03
N ARG D 42 -33.30 -21.86 -0.29
CA ARG D 42 -34.36 -22.83 0.08
C ARG D 42 -35.52 -22.10 0.77
N ALA D 43 -35.21 -21.02 1.51
CA ALA D 43 -36.16 -20.25 2.33
C ALA D 43 -36.99 -19.29 1.47
N HIS D 44 -36.35 -18.71 0.45
CA HIS D 44 -36.85 -17.56 -0.34
C HIS D 44 -37.11 -17.89 -1.81
N TRP D 45 -37.00 -19.17 -2.22
CA TRP D 45 -37.02 -19.57 -3.64
C TRP D 45 -38.42 -19.43 -4.24
N SER D 46 -39.42 -19.96 -3.54
CA SER D 46 -40.84 -19.88 -3.95
C SER D 46 -41.13 -18.43 -4.32
N THR D 47 -40.66 -17.49 -3.49
CA THR D 47 -40.80 -16.02 -3.71
C THR D 47 -39.94 -15.51 -4.88
N ILE D 48 -38.64 -15.78 -4.85
CA ILE D 48 -37.63 -15.24 -5.81
C ILE D 48 -37.99 -15.74 -7.21
N HIS D 49 -38.11 -17.07 -7.37
CA HIS D 49 -38.57 -17.77 -8.59
C HIS D 49 -39.81 -17.08 -9.19
N ALA D 50 -40.83 -16.88 -8.34
CA ALA D 50 -42.15 -16.32 -8.70
C ALA D 50 -42.01 -14.87 -9.17
N GLN D 51 -41.35 -14.03 -8.38
CA GLN D 51 -41.32 -12.58 -8.65
C GLN D 51 -40.44 -12.25 -9.86
N LEU D 52 -39.56 -13.15 -10.31
CA LEU D 52 -38.77 -12.90 -11.54
C LEU D 52 -39.31 -13.71 -12.71
N LEU D 53 -40.14 -14.73 -12.43
CA LEU D 53 -41.05 -15.32 -13.44
C LEU D 53 -42.17 -14.32 -13.76
N ALA D 54 -42.49 -13.44 -12.83
CA ALA D 54 -43.65 -12.50 -12.88
C ALA D 54 -43.16 -11.16 -13.46
N GLY D 55 -41.84 -10.99 -13.58
CA GLY D 55 -41.25 -9.78 -14.16
C GLY D 55 -41.29 -8.62 -13.19
N THR D 56 -41.31 -8.97 -11.89
CA THR D 56 -41.39 -8.00 -10.76
C THR D 56 -40.16 -8.17 -9.87
N TYR D 57 -39.10 -8.81 -10.38
CA TYR D 57 -37.88 -9.05 -9.58
C TYR D 57 -36.78 -8.05 -9.91
N ARG D 58 -36.48 -7.18 -8.96
CA ARG D 58 -35.39 -6.20 -9.08
C ARG D 58 -34.21 -6.72 -8.27
N PRO D 59 -33.07 -6.99 -8.93
CA PRO D 59 -31.89 -7.47 -8.22
C PRO D 59 -31.24 -6.40 -7.35
N ALA D 60 -30.48 -6.82 -6.34
CA ALA D 60 -29.80 -5.89 -5.41
C ALA D 60 -28.69 -5.19 -6.17
N PRO D 61 -28.38 -3.92 -5.80
CA PRO D 61 -27.20 -3.23 -6.31
C PRO D 61 -25.87 -3.89 -5.91
N VAL D 62 -24.90 -3.86 -6.81
CA VAL D 62 -23.56 -4.46 -6.57
C VAL D 62 -22.72 -3.56 -5.64
N ARG D 63 -21.83 -4.18 -4.86
CA ARG D 63 -21.00 -3.51 -3.82
C ARG D 63 -19.65 -3.08 -4.40
N ARG D 64 -19.28 -1.85 -4.09
CA ARG D 64 -18.06 -1.18 -4.59
C ARG D 64 -16.84 -1.66 -3.79
N VAL D 65 -15.89 -2.28 -4.49
CA VAL D 65 -14.57 -2.65 -3.91
C VAL D 65 -13.46 -2.11 -4.81
N GLU D 66 -12.43 -1.54 -4.18
CA GLU D 66 -11.26 -0.93 -4.84
C GLU D 66 -10.08 -1.90 -4.71
N ILE D 67 -9.75 -2.60 -5.81
CA ILE D 67 -8.58 -3.52 -5.86
C ILE D 67 -7.52 -2.95 -6.81
N PRO D 68 -6.21 -3.09 -6.50
CA PRO D 68 -5.16 -2.62 -7.39
C PRO D 68 -4.98 -3.52 -8.62
N LYS D 69 -4.74 -2.91 -9.77
CA LYS D 69 -4.54 -3.61 -11.05
C LYS D 69 -3.04 -3.82 -11.27
N PRO D 70 -2.62 -4.47 -12.39
CA PRO D 70 -1.20 -4.69 -12.68
C PRO D 70 -0.37 -3.40 -12.73
N GLY D 71 -0.93 -2.34 -13.32
CA GLY D 71 -0.25 -1.07 -13.61
C GLY D 71 -0.37 -0.05 -12.49
N GLY D 72 -0.92 -0.41 -11.33
CA GLY D 72 -1.01 0.48 -10.17
C GLY D 72 -2.34 1.20 -10.11
N GLY D 73 -3.16 1.07 -11.17
CA GLY D 73 -4.53 1.63 -11.18
C GLY D 73 -5.49 0.91 -10.25
N THR D 74 -6.56 1.60 -9.86
CA THR D 74 -7.58 1.03 -8.94
C THR D 74 -8.74 0.49 -9.77
N ARG D 75 -8.85 -0.82 -9.83
CA ARG D 75 -9.97 -1.50 -10.52
C ARG D 75 -11.22 -1.44 -9.64
N GLN D 76 -12.27 -0.76 -10.09
CA GLN D 76 -13.57 -0.72 -9.38
C GLN D 76 -14.32 -2.02 -9.66
N LEU D 77 -14.37 -2.91 -8.67
CA LEU D 77 -15.08 -4.21 -8.83
C LEU D 77 -16.54 -4.05 -8.44
N GLY D 78 -17.41 -4.78 -9.14
CA GLY D 78 -18.82 -4.91 -8.78
C GLY D 78 -19.05 -6.26 -8.14
N ILE D 79 -19.53 -6.31 -6.91
CA ILE D 79 -19.85 -7.61 -6.24
C ILE D 79 -21.36 -7.72 -6.08
N PRO D 80 -22.06 -8.60 -6.82
CA PRO D 80 -23.49 -8.79 -6.63
C PRO D 80 -23.76 -9.63 -5.37
N THR D 81 -25.00 -9.59 -4.89
CA THR D 81 -25.51 -10.44 -3.78
C THR D 81 -25.33 -11.90 -4.18
N VAL D 82 -25.07 -12.80 -3.23
CA VAL D 82 -24.81 -14.25 -3.54
C VAL D 82 -25.95 -14.80 -4.40
N VAL D 83 -27.18 -14.37 -4.15
CA VAL D 83 -28.40 -14.77 -4.93
C VAL D 83 -28.25 -14.25 -6.36
N ASP D 84 -27.89 -12.98 -6.50
CA ASP D 84 -27.69 -12.28 -7.79
C ASP D 84 -26.55 -12.93 -8.56
N ARG D 85 -25.54 -13.41 -7.84
CA ARG D 85 -24.42 -14.19 -8.44
C ARG D 85 -24.94 -15.53 -8.91
N LEU D 86 -25.79 -16.16 -8.09
CA LEU D 86 -26.42 -17.46 -8.40
C LEU D 86 -27.29 -17.35 -9.66
N ILE D 87 -28.12 -16.30 -9.74
CA ILE D 87 -29.06 -16.04 -10.87
C ILE D 87 -28.24 -15.77 -12.13
N GLN D 88 -27.28 -14.85 -12.04
CA GLN D 88 -26.43 -14.43 -13.20
C GLN D 88 -25.66 -15.65 -13.70
N GLN D 89 -25.29 -16.53 -12.78
CA GLN D 89 -24.67 -17.83 -13.12
C GLN D 89 -25.64 -18.65 -13.96
N ALA D 90 -26.89 -18.77 -13.52
CA ALA D 90 -27.96 -19.54 -14.17
C ALA D 90 -28.36 -18.95 -15.53
N ILE D 91 -28.16 -17.64 -15.73
CA ILE D 91 -28.36 -16.97 -17.05
C ILE D 91 -27.20 -17.36 -17.97
N LEU D 92 -25.98 -17.15 -17.48
CA LEU D 92 -24.71 -17.42 -18.21
C LEU D 92 -24.71 -18.86 -18.75
N GLN D 93 -25.05 -19.82 -17.88
CA GLN D 93 -24.95 -21.27 -18.18
C GLN D 93 -25.81 -21.62 -19.40
N GLU D 94 -26.92 -20.92 -19.60
CA GLU D 94 -27.85 -21.20 -20.71
C GLU D 94 -27.65 -20.21 -21.85
N LEU D 95 -26.96 -19.08 -21.60
CA LEU D 95 -26.65 -18.08 -22.64
C LEU D 95 -25.37 -18.46 -23.41
N THR D 96 -24.45 -19.20 -22.80
CA THR D 96 -23.19 -19.63 -23.45
C THR D 96 -23.49 -20.37 -24.75
N PRO D 97 -24.28 -21.48 -24.77
CA PRO D 97 -24.58 -22.20 -26.01
C PRO D 97 -25.33 -21.41 -27.10
N ILE D 98 -26.02 -20.33 -26.71
CA ILE D 98 -26.72 -19.39 -27.65
C ILE D 98 -25.66 -18.61 -28.44
N PHE D 99 -24.69 -18.05 -27.72
CA PHE D 99 -23.75 -17.03 -28.26
C PHE D 99 -22.39 -17.62 -28.63
N ASP D 100 -21.86 -18.57 -27.85
CA ASP D 100 -20.43 -18.98 -27.93
C ASP D 100 -20.15 -19.52 -29.33
N PRO D 101 -20.94 -20.47 -29.87
CA PRO D 101 -20.61 -21.11 -31.14
C PRO D 101 -20.35 -20.15 -32.32
N ASP D 102 -21.03 -19.01 -32.31
CA ASP D 102 -20.94 -17.96 -33.36
C ASP D 102 -19.90 -16.90 -33.03
N PHE D 103 -19.25 -16.99 -31.86
CA PHE D 103 -18.11 -16.09 -31.53
C PHE D 103 -16.93 -16.49 -32.41
N SER D 104 -16.06 -15.51 -32.71
CA SER D 104 -14.87 -15.67 -33.58
C SER D 104 -14.00 -16.85 -33.14
N SER D 105 -13.27 -17.42 -34.10
CA SER D 105 -12.25 -18.46 -33.87
C SER D 105 -11.00 -17.82 -33.28
N SER D 106 -10.85 -16.51 -33.53
CA SER D 106 -9.73 -15.65 -33.04
C SER D 106 -10.08 -15.00 -31.68
N SER D 107 -11.22 -15.34 -31.10
CA SER D 107 -11.67 -14.88 -29.76
C SER D 107 -11.28 -15.94 -28.73
N PHE D 108 -10.43 -15.59 -27.78
CA PHE D 108 -9.81 -16.56 -26.82
C PHE D 108 -10.13 -16.22 -25.36
N GLY D 109 -10.65 -15.02 -25.10
CA GLY D 109 -10.89 -14.53 -23.72
C GLY D 109 -12.30 -14.85 -23.23
N PHE D 110 -12.39 -15.42 -22.02
CA PHE D 110 -13.66 -15.74 -21.30
C PHE D 110 -14.55 -16.75 -22.05
N ARG D 111 -13.94 -17.60 -22.88
CA ARG D 111 -14.68 -18.66 -23.61
C ARG D 111 -14.24 -20.05 -23.14
N PRO D 112 -15.17 -21.02 -23.05
CA PRO D 112 -14.83 -22.38 -22.63
C PRO D 112 -14.06 -23.16 -23.70
N GLY D 113 -13.06 -23.95 -23.27
CA GLY D 113 -12.19 -24.76 -24.15
C GLY D 113 -11.08 -23.95 -24.80
N ARG D 114 -10.90 -22.69 -24.39
CA ARG D 114 -9.99 -21.72 -25.04
C ARG D 114 -9.21 -20.92 -23.99
N ASN D 115 -7.88 -20.98 -24.07
CA ASN D 115 -6.98 -20.44 -23.03
C ASN D 115 -6.03 -19.40 -23.64
N ALA D 116 -5.16 -18.82 -22.81
CA ALA D 116 -4.12 -17.86 -23.24
C ALA D 116 -3.11 -18.53 -24.18
N HIS D 117 -2.84 -19.82 -23.98
CA HIS D 117 -1.87 -20.58 -24.81
C HIS D 117 -2.34 -20.62 -26.27
N ASP D 118 -3.64 -20.76 -26.49
CA ASP D 118 -4.26 -20.80 -27.85
C ASP D 118 -4.08 -19.44 -28.53
N ALA D 119 -4.18 -18.37 -27.76
CA ALA D 119 -4.02 -16.97 -28.25
C ALA D 119 -2.55 -16.70 -28.59
N VAL D 120 -1.61 -17.20 -27.79
CA VAL D 120 -0.15 -16.95 -27.98
C VAL D 120 0.38 -17.80 -29.14
N ARG D 121 -0.05 -19.05 -29.24
CA ARG D 121 0.38 -19.98 -30.33
C ARG D 121 -0.04 -19.43 -31.69
N GLN D 122 -1.26 -18.88 -31.79
CA GLN D 122 -1.77 -18.26 -33.03
C GLN D 122 -1.00 -16.95 -33.31
N ALA D 123 -0.76 -16.16 -32.27
CA ALA D 123 0.03 -14.90 -32.31
C ALA D 123 1.45 -15.14 -32.79
N GLN D 124 2.16 -16.18 -32.29
CA GLN D 124 3.51 -16.56 -32.79
C GLN D 124 3.37 -16.93 -34.26
N GLY D 125 2.32 -17.68 -34.60
CA GLY D 125 2.11 -18.23 -35.95
C GLY D 125 2.15 -17.15 -37.02
N TYR D 126 1.60 -15.97 -36.72
CA TYR D 126 1.49 -14.84 -37.68
C TYR D 126 2.81 -14.08 -37.84
N ILE D 127 3.52 -13.81 -36.75
CA ILE D 127 4.88 -13.20 -36.81
C ILE D 127 5.90 -14.17 -37.41
N GLN D 128 5.72 -15.48 -37.20
CA GLN D 128 6.66 -16.51 -37.72
C GLN D 128 6.59 -16.60 -39.24
N GLU D 129 5.43 -16.40 -39.87
CA GLU D 129 5.28 -16.52 -41.35
C GLU D 129 4.51 -15.34 -41.94
N GLY D 130 5.21 -14.32 -42.44
CA GLY D 130 4.61 -13.21 -43.21
C GLY D 130 4.09 -12.04 -42.40
N TYR D 131 4.23 -12.02 -41.07
CA TYR D 131 3.81 -10.86 -40.25
C TYR D 131 4.85 -10.57 -39.18
N ARG D 132 5.34 -9.33 -39.10
CA ARG D 132 6.39 -8.97 -38.12
C ARG D 132 6.13 -7.60 -37.47
N TYR D 133 4.90 -7.12 -37.58
CA TYR D 133 4.37 -5.94 -36.85
C TYR D 133 2.98 -6.27 -36.30
N VAL D 134 2.77 -5.97 -35.02
CA VAL D 134 1.47 -6.14 -34.33
C VAL D 134 0.91 -4.78 -33.89
N VAL D 135 -0.41 -4.66 -33.97
CA VAL D 135 -1.18 -3.46 -33.55
C VAL D 135 -1.91 -3.84 -32.26
N ASP D 136 -1.20 -3.79 -31.14
CA ASP D 136 -1.80 -4.16 -29.82
C ASP D 136 -2.78 -3.06 -29.37
N MET D 137 -3.90 -3.50 -28.79
CA MET D 137 -5.00 -2.59 -28.39
C MET D 137 -5.65 -3.04 -27.08
N ASP D 138 -6.12 -2.03 -26.34
CA ASP D 138 -6.79 -2.17 -25.02
C ASP D 138 -7.79 -1.01 -24.86
N LEU D 139 -8.93 -1.28 -24.24
CA LEU D 139 -9.97 -0.25 -24.04
C LEU D 139 -9.89 0.33 -22.63
N GLU D 140 -10.21 1.61 -22.50
CA GLU D 140 -10.20 2.33 -21.20
C GLU D 140 -11.36 1.86 -20.33
N LYS D 141 -11.08 1.30 -19.15
CA LYS D 141 -12.10 0.86 -18.15
C LYS D 141 -13.25 0.14 -18.88
N PHE D 142 -12.88 -0.91 -19.60
CA PHE D 142 -13.72 -1.60 -20.63
C PHE D 142 -15.10 -1.99 -20.07
N PHE D 143 -15.14 -2.70 -18.95
CA PHE D 143 -16.41 -3.17 -18.33
C PHE D 143 -17.24 -2.00 -17.79
N ASP D 144 -16.58 -0.94 -17.31
CA ASP D 144 -17.26 0.25 -16.72
C ASP D 144 -17.93 1.13 -17.78
N ARG D 145 -17.39 1.12 -19.01
CA ARG D 145 -17.85 1.97 -20.15
C ARG D 145 -18.86 1.31 -21.08
N VAL D 146 -19.00 -0.02 -21.03
CA VAL D 146 -19.90 -0.80 -21.94
C VAL D 146 -21.27 -0.11 -22.03
N ASN D 147 -21.75 0.09 -23.25
CA ASN D 147 -22.98 0.88 -23.50
C ASN D 147 -24.20 -0.03 -23.42
N HIS D 148 -25.14 0.31 -22.52
CA HIS D 148 -26.37 -0.45 -22.19
C HIS D 148 -27.24 -0.70 -23.44
N ASP D 149 -27.44 0.30 -24.28
CA ASP D 149 -28.41 0.23 -25.40
C ASP D 149 -27.81 -0.61 -26.51
N ILE D 150 -26.53 -0.38 -26.79
CA ILE D 150 -25.75 -1.06 -27.85
C ILE D 150 -25.53 -2.52 -27.46
N LEU D 151 -25.32 -2.78 -26.18
CA LEU D 151 -25.12 -4.15 -25.64
C LEU D 151 -26.42 -4.96 -25.80
N MET D 152 -27.52 -4.46 -25.25
CA MET D 152 -28.83 -5.15 -25.23
C MET D 152 -29.37 -5.36 -26.65
N SER D 153 -29.04 -4.46 -27.57
CA SER D 153 -29.29 -4.62 -29.03
C SER D 153 -28.59 -5.86 -29.56
N ARG D 154 -27.32 -6.08 -29.20
CA ARG D 154 -26.51 -7.26 -29.62
C ARG D 154 -27.05 -8.53 -28.97
N VAL D 155 -27.49 -8.39 -27.73
CA VAL D 155 -28.06 -9.50 -26.89
C VAL D 155 -29.40 -9.91 -27.48
N ALA D 156 -30.24 -8.94 -27.84
CA ALA D 156 -31.61 -9.16 -28.36
C ALA D 156 -31.65 -9.84 -29.74
N ARG D 157 -30.56 -9.74 -30.51
CA ARG D 157 -30.40 -10.35 -31.86
C ARG D 157 -30.82 -11.82 -31.89
N LYS D 158 -30.23 -12.64 -31.04
CA LYS D 158 -30.53 -14.11 -31.00
C LYS D 158 -31.59 -14.41 -29.94
N VAL D 159 -31.43 -13.80 -28.76
CA VAL D 159 -32.31 -14.03 -27.57
C VAL D 159 -33.68 -13.41 -27.84
N LYS D 160 -34.70 -14.25 -28.06
CA LYS D 160 -36.05 -13.81 -28.53
C LYS D 160 -36.97 -13.57 -27.34
N ASP D 161 -36.73 -14.31 -26.24
CA ASP D 161 -37.51 -14.26 -24.98
C ASP D 161 -37.39 -12.86 -24.38
N LYS D 162 -38.50 -12.14 -24.29
CA LYS D 162 -38.56 -10.71 -23.87
C LYS D 162 -38.28 -10.62 -22.35
N ARG D 163 -38.64 -11.69 -21.63
CA ARG D 163 -38.53 -11.75 -20.16
C ARG D 163 -37.07 -11.70 -19.71
N VAL D 164 -36.15 -12.38 -20.41
CA VAL D 164 -34.69 -12.41 -20.07
C VAL D 164 -34.04 -11.06 -20.41
N LEU D 165 -34.45 -10.42 -21.50
CA LEU D 165 -33.88 -9.12 -21.95
C LEU D 165 -34.15 -8.05 -20.90
N LYS D 166 -35.37 -8.09 -20.35
CA LYS D 166 -35.83 -7.24 -19.21
C LYS D 166 -35.00 -7.55 -17.97
N LEU D 167 -34.80 -8.86 -17.70
CA LEU D 167 -34.06 -9.35 -16.52
C LEU D 167 -32.60 -8.89 -16.59
N ILE D 168 -31.96 -9.07 -17.74
CA ILE D 168 -30.52 -8.74 -17.96
C ILE D 168 -30.34 -7.24 -17.86
N ARG D 169 -31.24 -6.46 -18.45
CA ARG D 169 -31.24 -4.98 -18.38
C ARG D 169 -31.36 -4.54 -16.92
N ALA D 170 -32.20 -5.22 -16.15
CA ALA D 170 -32.44 -4.92 -14.71
C ALA D 170 -31.14 -5.04 -13.92
N TYR D 171 -30.37 -6.10 -14.21
CA TYR D 171 -29.05 -6.37 -13.58
C TYR D 171 -28.03 -5.32 -13.98
N LEU D 172 -28.07 -4.88 -15.24
CA LEU D 172 -27.22 -3.78 -15.76
C LEU D 172 -27.63 -2.46 -15.09
N GLN D 173 -28.94 -2.24 -14.96
CA GLN D 173 -29.48 -0.98 -14.40
C GLN D 173 -29.25 -0.95 -12.90
N ALA D 174 -28.77 -2.06 -12.32
CA ALA D 174 -28.47 -2.15 -10.88
C ALA D 174 -27.58 -0.99 -10.44
N GLY D 175 -27.95 -0.34 -9.36
CA GLY D 175 -27.14 0.74 -8.79
C GLY D 175 -25.93 0.16 -8.08
N VAL D 176 -25.06 0.99 -7.55
CA VAL D 176 -24.00 0.53 -6.62
C VAL D 176 -24.50 1.17 -5.34
N MET D 177 -24.36 0.47 -4.24
CA MET D 177 -24.76 0.99 -2.91
C MET D 177 -23.56 1.71 -2.31
N ILE D 178 -23.55 3.03 -2.32
CA ILE D 178 -22.43 3.79 -1.73
C ILE D 178 -23.03 4.47 -0.53
N GLU D 179 -22.49 4.24 0.66
CA GLU D 179 -22.88 4.96 1.89
C GLU D 179 -24.40 4.88 2.08
N GLY D 180 -24.99 3.70 1.91
CA GLY D 180 -26.41 3.45 2.24
C GLY D 180 -27.38 3.85 1.13
N VAL D 181 -26.91 4.15 -0.09
CA VAL D 181 -27.83 4.49 -1.21
C VAL D 181 -27.33 3.86 -2.49
N LYS D 182 -28.25 3.25 -3.23
CA LYS D 182 -27.99 2.64 -4.55
C LYS D 182 -27.67 3.77 -5.53
N VAL D 183 -26.74 3.53 -6.43
CA VAL D 183 -26.35 4.52 -7.46
C VAL D 183 -26.74 3.95 -8.81
N GLN D 184 -27.45 4.71 -9.64
CA GLN D 184 -27.82 4.29 -11.00
C GLN D 184 -26.56 4.19 -11.86
N THR D 185 -26.39 3.08 -12.58
CA THR D 185 -25.19 2.83 -13.42
C THR D 185 -25.48 3.32 -14.84
N GLU D 186 -24.88 4.44 -15.21
CA GLU D 186 -25.01 4.99 -16.58
C GLU D 186 -24.45 3.96 -17.58
N GLU D 187 -23.25 3.47 -17.27
CA GLU D 187 -22.37 2.78 -18.25
C GLU D 187 -21.83 1.47 -17.66
N GLY D 188 -21.72 0.45 -18.52
CA GLY D 188 -20.97 -0.77 -18.19
C GLY D 188 -21.78 -1.88 -17.53
N THR D 189 -21.09 -3.01 -17.42
CA THR D 189 -21.56 -4.25 -16.76
C THR D 189 -20.67 -4.43 -15.55
N PRO D 190 -21.26 -4.68 -14.35
CA PRO D 190 -20.49 -4.76 -13.12
C PRO D 190 -19.29 -5.72 -13.21
N GLN D 191 -18.09 -5.19 -12.99
CA GLN D 191 -16.86 -6.01 -12.91
C GLN D 191 -17.08 -7.08 -11.86
N GLY D 192 -16.89 -8.34 -12.21
CA GLY D 192 -17.07 -9.44 -11.26
C GLY D 192 -18.48 -10.00 -11.27
N GLY D 193 -19.38 -9.43 -12.08
CA GLY D 193 -20.69 -10.04 -12.31
C GLY D 193 -20.45 -11.33 -13.07
N PRO D 194 -21.02 -12.50 -12.70
CA PRO D 194 -20.74 -13.73 -13.47
C PRO D 194 -21.06 -13.69 -14.96
N LEU D 195 -22.14 -13.00 -15.33
CA LEU D 195 -22.64 -12.89 -16.73
C LEU D 195 -21.79 -11.91 -17.54
N SER D 196 -21.19 -10.94 -16.85
CA SER D 196 -20.58 -9.72 -17.46
C SER D 196 -19.50 -10.09 -18.48
N PRO D 197 -18.62 -11.09 -18.21
CA PRO D 197 -17.66 -11.53 -19.22
C PRO D 197 -18.27 -12.10 -20.52
N LEU D 198 -19.50 -12.60 -20.50
CA LEU D 198 -20.18 -13.05 -21.74
C LEU D 198 -20.65 -11.84 -22.54
N LEU D 199 -21.36 -10.95 -21.84
CA LEU D 199 -21.83 -9.65 -22.38
C LEU D 199 -20.67 -8.90 -23.04
N ALA D 200 -19.46 -9.06 -22.49
CA ALA D 200 -18.25 -8.37 -23.00
C ALA D 200 -17.87 -8.88 -24.38
N ASN D 201 -18.01 -10.19 -24.60
CA ASN D 201 -17.65 -10.86 -25.87
C ASN D 201 -18.77 -10.61 -26.89
N ILE D 202 -20.00 -10.47 -26.41
CA ILE D 202 -21.20 -10.20 -27.27
C ILE D 202 -21.01 -8.85 -27.98
N LEU D 203 -20.52 -7.84 -27.25
CA LEU D 203 -20.28 -6.49 -27.80
C LEU D 203 -19.13 -6.52 -28.81
N LEU D 204 -18.01 -7.15 -28.44
CA LEU D 204 -16.80 -7.23 -29.29
C LEU D 204 -16.88 -8.38 -30.32
N ASP D 205 -18.02 -9.05 -30.43
CA ASP D 205 -18.26 -10.04 -31.51
C ASP D 205 -18.38 -9.31 -32.85
N ASP D 206 -18.99 -8.13 -32.87
CA ASP D 206 -19.08 -7.28 -34.09
C ASP D 206 -17.71 -6.74 -34.48
N LEU D 207 -16.88 -6.41 -33.49
CA LEU D 207 -15.48 -5.98 -33.73
C LEU D 207 -14.70 -7.10 -34.42
N ASP D 208 -14.93 -8.34 -34.00
CA ASP D 208 -14.30 -9.53 -34.61
C ASP D 208 -14.85 -9.72 -36.01
N LYS D 209 -16.16 -9.56 -36.20
CA LYS D 209 -16.84 -9.76 -37.51
C LYS D 209 -16.33 -8.73 -38.53
N GLU D 210 -16.10 -7.49 -38.08
CA GLU D 210 -15.59 -6.39 -38.92
C GLU D 210 -14.16 -6.70 -39.36
N LEU D 211 -13.31 -7.07 -38.40
CA LEU D 211 -11.90 -7.47 -38.64
C LEU D 211 -11.85 -8.71 -39.54
N GLU D 212 -12.77 -9.65 -39.31
CA GLU D 212 -12.92 -10.87 -40.13
C GLU D 212 -13.36 -10.51 -41.56
N LYS D 213 -14.24 -9.52 -41.70
CA LYS D 213 -14.72 -9.03 -43.02
C LYS D 213 -13.55 -8.39 -43.79
N ARG D 214 -12.79 -7.56 -43.07
CA ARG D 214 -11.54 -6.89 -43.52
C ARG D 214 -10.44 -7.92 -43.80
N GLY D 215 -10.58 -9.13 -43.26
CA GLY D 215 -9.74 -10.29 -43.60
C GLY D 215 -8.37 -10.20 -42.97
N LEU D 216 -8.34 -9.80 -41.70
CA LEU D 216 -7.13 -9.50 -40.92
C LEU D 216 -6.77 -10.70 -40.05
N LYS D 217 -5.51 -10.76 -39.67
CA LYS D 217 -4.90 -11.88 -38.92
C LYS D 217 -4.73 -11.47 -37.46
N PHE D 218 -5.75 -11.65 -36.63
CA PHE D 218 -5.79 -11.09 -35.25
C PHE D 218 -5.96 -12.16 -34.18
N CYS D 219 -5.70 -11.76 -32.93
CA CYS D 219 -5.92 -12.58 -31.72
C CYS D 219 -6.48 -11.70 -30.60
N ARG D 220 -7.73 -11.94 -30.21
CA ARG D 220 -8.40 -11.18 -29.13
C ARG D 220 -8.49 -12.05 -27.86
N TYR D 221 -8.12 -11.44 -26.74
CA TYR D 221 -8.38 -11.94 -25.37
C TYR D 221 -9.01 -10.77 -24.63
N ALA D 222 -10.32 -10.86 -24.44
CA ALA D 222 -11.15 -9.85 -23.75
C ALA D 222 -11.06 -8.52 -24.51
N ASP D 223 -10.76 -7.41 -23.82
CA ASP D 223 -10.55 -6.09 -24.47
C ASP D 223 -9.17 -6.08 -25.12
N ASP D 224 -8.21 -6.79 -24.51
CA ASP D 224 -6.84 -6.81 -25.02
C ASP D 224 -6.97 -7.55 -26.34
N CYS D 225 -6.87 -6.81 -27.42
CA CYS D 225 -7.07 -7.33 -28.79
C CYS D 225 -5.91 -6.86 -29.63
N ASN D 226 -5.31 -7.74 -30.43
CA ASN D 226 -4.11 -7.36 -31.25
C ASN D 226 -4.18 -7.96 -32.65
N ILE D 227 -3.90 -7.12 -33.64
CA ILE D 227 -3.93 -7.49 -35.08
C ILE D 227 -2.50 -7.54 -35.60
N TYR D 228 -2.18 -8.59 -36.35
CA TYR D 228 -0.86 -8.76 -37.02
C TYR D 228 -0.95 -8.35 -38.50
N VAL D 229 -0.03 -7.45 -38.86
CA VAL D 229 0.14 -6.87 -40.22
C VAL D 229 1.61 -7.02 -40.62
N LYS D 230 1.94 -6.76 -41.88
CA LYS D 230 3.29 -6.98 -42.46
C LYS D 230 4.17 -5.74 -42.24
N SER D 231 3.57 -4.56 -42.15
CA SER D 231 4.27 -3.25 -42.11
C SER D 231 3.67 -2.33 -41.04
N LEU D 232 4.45 -1.33 -40.62
CA LEU D 232 4.09 -0.30 -39.59
C LEU D 232 3.05 0.67 -40.17
N ARG D 233 3.18 0.95 -41.47
CA ARG D 233 2.27 1.87 -42.19
C ARG D 233 0.87 1.26 -42.23
N ALA D 234 0.79 -0.03 -42.61
CA ALA D 234 -0.47 -0.82 -42.66
C ALA D 234 -1.08 -0.90 -41.26
N GLY D 235 -0.24 -1.07 -40.24
CA GLY D 235 -0.67 -1.15 -38.83
C GLY D 235 -1.21 0.17 -38.31
N GLN D 236 -0.55 1.27 -38.68
CA GLN D 236 -0.95 2.63 -38.26
C GLN D 236 -2.23 3.03 -38.99
N ARG D 237 -2.38 2.59 -40.25
CA ARG D 237 -3.59 2.82 -41.07
C ARG D 237 -4.81 2.19 -40.39
N VAL D 238 -4.71 0.91 -40.03
CA VAL D 238 -5.81 0.11 -39.40
C VAL D 238 -5.91 0.38 -37.89
N LYS D 239 -4.95 1.11 -37.31
CA LYS D 239 -5.02 1.53 -35.88
C LYS D 239 -6.14 2.55 -35.74
N GLN D 240 -6.22 3.51 -36.66
CA GLN D 240 -7.19 4.64 -36.63
C GLN D 240 -8.58 4.17 -37.09
N SER D 241 -8.61 3.22 -38.01
CA SER D 241 -9.81 2.84 -38.80
C SER D 241 -10.67 1.91 -37.94
N ILE D 242 -10.04 1.14 -37.06
CA ILE D 242 -10.72 0.28 -36.05
C ILE D 242 -11.12 1.11 -34.83
N GLN D 243 -10.24 2.03 -34.43
CA GLN D 243 -10.52 3.05 -33.39
C GLN D 243 -11.76 3.85 -33.77
N ARG D 244 -11.91 4.27 -35.04
CA ARG D 244 -13.10 4.95 -35.61
C ARG D 244 -14.35 4.04 -35.53
N PHE D 245 -14.14 2.75 -35.77
CA PHE D 245 -15.21 1.74 -35.88
C PHE D 245 -15.79 1.52 -34.49
N LEU D 246 -14.93 1.20 -33.52
CA LEU D 246 -15.39 0.79 -32.16
C LEU D 246 -15.87 2.04 -31.39
N GLU D 247 -15.48 3.22 -31.84
CA GLU D 247 -15.85 4.51 -31.21
C GLU D 247 -17.23 4.94 -31.69
N LYS D 248 -17.59 4.60 -32.93
CA LYS D 248 -18.88 4.97 -33.56
C LYS D 248 -19.96 3.89 -33.41
N THR D 249 -19.66 2.66 -33.85
CA THR D 249 -20.61 1.52 -33.90
C THR D 249 -20.84 1.00 -32.47
N LEU D 250 -19.75 0.79 -31.73
CA LEU D 250 -19.80 0.18 -30.37
C LEU D 250 -19.76 1.24 -29.26
N LYS D 251 -19.35 2.48 -29.58
CA LYS D 251 -19.37 3.66 -28.66
C LYS D 251 -18.31 3.59 -27.53
N LEU D 252 -17.15 2.98 -27.78
CA LEU D 252 -16.10 2.82 -26.73
C LEU D 252 -14.80 3.60 -27.00
N LYS D 253 -14.17 4.05 -25.92
CA LYS D 253 -12.89 4.81 -26.01
C LYS D 253 -11.71 3.88 -25.72
N VAL D 254 -10.61 4.11 -26.42
CA VAL D 254 -9.42 3.21 -26.49
C VAL D 254 -8.33 3.74 -25.55
N ASN D 255 -7.64 2.82 -24.90
CA ASN D 255 -6.55 3.13 -23.94
C ASN D 255 -5.24 3.31 -24.72
N GLU D 256 -4.86 4.56 -24.95
CA GLU D 256 -3.74 4.91 -25.88
C GLU D 256 -2.39 4.55 -25.24
N GLU D 257 -2.33 4.51 -23.90
CA GLU D 257 -1.09 4.15 -23.16
C GLU D 257 -0.81 2.66 -23.38
N LYS D 258 -1.84 1.83 -23.37
CA LYS D 258 -1.71 0.36 -23.55
C LYS D 258 -1.71 0.01 -25.04
N SER D 259 -2.48 0.74 -25.84
CA SER D 259 -2.58 0.54 -27.31
C SER D 259 -1.30 1.03 -27.98
N ALA D 260 -0.73 0.24 -28.88
CA ALA D 260 0.46 0.65 -29.64
C ALA D 260 0.61 -0.14 -30.93
N VAL D 261 1.48 0.38 -31.80
CA VAL D 261 1.83 -0.21 -33.12
C VAL D 261 3.30 -0.61 -33.12
N ASP D 262 3.90 -0.81 -31.95
CA ASP D 262 5.34 -1.15 -31.83
C ASP D 262 5.55 -2.60 -32.25
N ARG D 263 6.81 -3.02 -32.34
CA ARG D 263 7.22 -4.36 -32.80
C ARG D 263 6.91 -5.38 -31.71
N PRO D 264 6.52 -6.62 -32.11
CA PRO D 264 5.98 -7.63 -31.20
C PRO D 264 6.77 -7.97 -29.93
N TRP D 265 8.10 -8.03 -30.03
CA TRP D 265 9.00 -8.55 -28.97
C TRP D 265 9.39 -7.47 -27.96
N LYS D 266 8.96 -6.22 -28.18
CA LYS D 266 9.14 -5.12 -27.19
C LYS D 266 7.84 -4.93 -26.42
N ARG D 267 6.72 -5.45 -26.96
CA ARG D 267 5.39 -5.40 -26.29
C ARG D 267 5.09 -6.73 -25.60
N ALA D 268 4.21 -6.69 -24.59
CA ALA D 268 3.79 -7.87 -23.81
C ALA D 268 2.38 -8.31 -24.21
N PHE D 269 2.20 -9.61 -24.41
CA PHE D 269 0.91 -10.21 -24.81
C PHE D 269 0.65 -11.45 -23.95
N LEU D 270 -0.27 -11.31 -22.99
CA LEU D 270 -0.77 -12.38 -22.08
C LEU D 270 0.38 -12.95 -21.24
N GLY D 271 1.18 -12.05 -20.65
CA GLY D 271 2.28 -12.42 -19.74
C GLY D 271 3.54 -12.87 -20.47
N PHE D 272 3.48 -12.96 -21.80
CA PHE D 272 4.61 -13.38 -22.64
C PHE D 272 5.07 -12.20 -23.49
N SER D 273 6.29 -12.32 -23.99
CA SER D 273 6.84 -11.47 -25.08
C SER D 273 7.57 -12.39 -26.02
N PHE D 274 8.14 -11.84 -27.09
CA PHE D 274 8.82 -12.63 -28.14
C PHE D 274 10.29 -12.22 -28.18
N THR D 275 11.06 -12.93 -29.00
CA THR D 275 12.46 -12.60 -29.36
C THR D 275 12.49 -11.88 -30.71
N PRO D 276 13.52 -11.06 -30.99
CA PRO D 276 13.62 -10.37 -32.29
C PRO D 276 13.90 -11.29 -33.48
N GLU D 277 14.00 -12.60 -33.23
CA GLU D 277 14.34 -13.62 -34.26
C GLU D 277 13.24 -13.74 -35.34
N ARG D 278 13.63 -14.20 -36.53
CA ARG D 278 12.69 -14.39 -37.68
C ARG D 278 11.68 -15.50 -37.36
N LYS D 279 12.15 -16.51 -36.64
CA LYS D 279 11.29 -17.52 -35.98
C LYS D 279 11.21 -17.14 -34.50
N ALA D 280 10.31 -16.21 -34.18
CA ALA D 280 10.24 -15.54 -32.86
C ALA D 280 9.94 -16.54 -31.76
N ARG D 281 10.95 -16.83 -30.93
CA ARG D 281 10.80 -17.68 -29.72
C ARG D 281 10.07 -16.89 -28.62
N ILE D 282 9.26 -17.61 -27.85
CA ILE D 282 8.45 -17.03 -26.74
C ILE D 282 9.37 -16.86 -25.53
N ARG D 283 9.34 -15.68 -24.94
CA ARG D 283 10.02 -15.41 -23.65
C ARG D 283 9.02 -14.88 -22.62
N LEU D 284 9.42 -14.92 -21.35
CA LEU D 284 8.66 -14.29 -20.23
C LEU D 284 8.72 -12.78 -20.44
N ALA D 285 7.60 -12.09 -20.31
CA ALA D 285 7.53 -10.61 -20.33
C ALA D 285 8.18 -10.08 -19.05
N PRO D 286 8.84 -8.91 -19.09
CA PRO D 286 9.52 -8.36 -17.92
C PRO D 286 8.62 -8.20 -16.69
N ARG D 287 7.35 -7.85 -16.90
CA ARG D 287 6.34 -7.79 -15.81
C ARG D 287 6.19 -9.18 -15.17
N SER D 288 6.02 -10.21 -16.01
CA SER D 288 5.79 -11.61 -15.58
C SER D 288 6.94 -12.11 -14.70
N ILE D 289 8.18 -11.76 -15.05
CA ILE D 289 9.42 -12.07 -14.27
C ILE D 289 9.37 -11.29 -12.95
N GLN D 290 9.04 -10.01 -13.01
CA GLN D 290 9.04 -9.11 -11.82
C GLN D 290 7.97 -9.54 -10.82
N ARG D 291 6.80 -9.98 -11.31
CA ARG D 291 5.68 -10.53 -10.49
C ARG D 291 6.11 -11.81 -9.76
N LEU D 292 6.86 -12.70 -10.44
CA LEU D 292 7.43 -13.92 -9.81
C LEU D 292 8.42 -13.53 -8.71
N LYS D 293 9.38 -12.67 -9.06
CA LYS D 293 10.46 -12.25 -8.15
C LYS D 293 9.84 -11.67 -6.88
N GLN D 294 8.83 -10.81 -7.02
CA GLN D 294 8.19 -10.03 -5.94
C GLN D 294 7.36 -10.98 -5.07
N ARG D 295 6.96 -12.14 -5.61
CA ARG D 295 6.21 -13.18 -4.87
C ARG D 295 7.19 -14.11 -4.15
N ILE D 296 8.35 -14.35 -4.75
CA ILE D 296 9.42 -15.22 -4.17
C ILE D 296 10.11 -14.46 -3.03
N ARG D 297 10.29 -13.16 -3.21
CA ARG D 297 10.99 -12.27 -2.26
C ARG D 297 10.29 -12.31 -0.90
N GLN D 298 8.97 -12.53 -0.91
CA GLN D 298 8.10 -12.53 0.29
C GLN D 298 7.77 -13.95 0.75
N LEU D 299 7.64 -14.91 -0.15
CA LEU D 299 7.62 -16.35 0.19
C LEU D 299 8.86 -16.71 1.02
N THR D 300 10.00 -16.12 0.68
CA THR D 300 11.28 -16.26 1.43
C THR D 300 11.38 -15.21 2.53
N ASN D 301 11.54 -15.67 3.76
CA ASN D 301 11.40 -14.87 5.02
C ASN D 301 12.19 -13.56 4.96
N PRO D 302 11.53 -12.37 4.98
CA PRO D 302 12.22 -11.12 5.24
C PRO D 302 12.25 -10.81 6.75
N ASN D 303 11.06 -10.84 7.37
CA ASN D 303 10.87 -10.78 8.86
C ASN D 303 9.73 -11.72 9.26
N TRP D 304 9.49 -12.72 8.41
CA TRP D 304 8.32 -13.63 8.48
C TRP D 304 8.66 -14.77 9.45
N SER D 305 7.65 -15.56 9.79
CA SER D 305 7.81 -16.67 10.76
C SER D 305 6.90 -17.84 10.39
N ILE D 306 7.48 -18.86 9.76
CA ILE D 306 6.85 -20.19 9.56
C ILE D 306 7.97 -21.23 9.65
N SER D 307 7.58 -22.50 9.58
CA SER D 307 8.52 -23.65 9.49
C SER D 307 9.24 -23.63 8.13
N MET D 308 10.51 -24.05 8.09
CA MET D 308 11.34 -23.95 6.86
C MET D 308 10.88 -25.01 5.85
N PRO D 309 10.66 -26.28 6.28
CA PRO D 309 9.90 -27.24 5.47
C PRO D 309 8.55 -26.73 4.93
N GLU D 310 7.79 -26.01 5.75
CA GLU D 310 6.53 -25.37 5.29
C GLU D 310 6.85 -24.40 4.15
N ARG D 311 7.81 -23.50 4.39
CA ARG D 311 8.23 -22.46 3.41
C ARG D 311 8.65 -23.10 2.08
N ILE D 312 9.33 -24.24 2.17
CA ILE D 312 9.81 -25.00 0.99
C ILE D 312 8.60 -25.55 0.23
N HIS D 313 7.57 -26.00 0.94
CA HIS D 313 6.30 -26.49 0.36
C HIS D 313 5.51 -25.32 -0.26
N ARG D 314 5.49 -24.19 0.44
CA ARG D 314 4.81 -22.94 0.00
C ARG D 314 5.48 -22.37 -1.26
N VAL D 315 6.80 -22.40 -1.33
CA VAL D 315 7.53 -21.91 -2.53
C VAL D 315 7.32 -22.90 -3.67
N ASN D 316 7.42 -24.20 -3.37
CA ASN D 316 7.26 -25.31 -4.37
C ASN D 316 5.86 -25.28 -4.99
N GLN D 317 4.83 -25.13 -4.17
CA GLN D 317 3.43 -25.20 -4.67
C GLN D 317 3.16 -24.00 -5.57
N TYR D 318 3.78 -22.85 -5.32
CA TYR D 318 3.59 -21.62 -6.14
C TYR D 318 4.39 -21.67 -7.46
N VAL D 319 5.67 -22.02 -7.32
CA VAL D 319 6.63 -22.10 -8.47
C VAL D 319 6.16 -23.17 -9.45
N MET D 320 5.81 -24.36 -8.95
CA MET D 320 5.38 -25.53 -9.78
C MET D 320 4.07 -25.20 -10.52
N GLY D 321 3.21 -24.42 -9.86
CA GLY D 321 1.96 -23.93 -10.45
C GLY D 321 2.24 -22.86 -11.49
N TRP D 322 3.18 -21.96 -11.16
CA TRP D 322 3.58 -20.81 -12.01
C TRP D 322 4.13 -21.33 -13.34
N ILE D 323 5.10 -22.25 -13.29
CA ILE D 323 5.77 -22.83 -14.49
C ILE D 323 4.76 -23.65 -15.31
N GLY D 324 3.72 -24.18 -14.68
CA GLY D 324 2.63 -24.89 -15.36
C GLY D 324 2.05 -24.05 -16.48
N TYR D 325 1.90 -22.75 -16.22
CA TYR D 325 1.38 -21.76 -17.20
C TYR D 325 2.53 -21.26 -18.09
N PHE D 326 3.67 -20.94 -17.49
CA PHE D 326 4.85 -20.41 -18.21
C PHE D 326 5.78 -21.60 -18.53
N ARG D 327 5.24 -22.62 -19.20
CA ARG D 327 6.05 -23.73 -19.81
C ARG D 327 6.17 -23.45 -21.31
N LEU D 328 5.38 -22.48 -21.77
CA LEU D 328 5.27 -22.12 -23.21
C LEU D 328 6.59 -21.50 -23.71
N VAL D 329 7.24 -20.72 -22.84
CA VAL D 329 8.50 -19.99 -23.15
C VAL D 329 9.58 -20.97 -23.62
N GLU D 330 10.39 -20.52 -24.58
CA GLU D 330 11.34 -21.37 -25.33
C GLU D 330 12.76 -20.97 -24.98
N THR D 331 12.96 -20.44 -23.77
CA THR D 331 14.25 -19.90 -23.29
C THR D 331 14.54 -20.45 -21.88
N PRO D 332 15.10 -21.67 -21.77
CA PRO D 332 15.43 -22.27 -20.48
C PRO D 332 16.55 -21.56 -19.69
N SER D 333 17.31 -20.74 -20.40
CA SER D 333 18.44 -19.92 -19.86
C SER D 333 17.96 -19.05 -18.69
N VAL D 334 16.91 -18.26 -18.91
CA VAL D 334 16.38 -17.30 -17.91
C VAL D 334 15.71 -18.08 -16.77
N LEU D 335 15.15 -19.26 -17.08
CA LEU D 335 14.51 -20.15 -16.08
C LEU D 335 15.58 -20.72 -15.14
N GLN D 336 16.75 -21.04 -15.68
CA GLN D 336 17.89 -21.57 -14.90
C GLN D 336 18.42 -20.47 -13.98
N THR D 337 18.42 -19.22 -14.46
CA THR D 337 18.96 -18.06 -13.72
C THR D 337 18.07 -17.78 -12.50
N ILE D 338 16.77 -17.61 -12.71
CA ILE D 338 15.78 -17.26 -11.65
C ILE D 338 15.65 -18.42 -10.64
N GLU D 339 15.90 -19.66 -11.08
CA GLU D 339 15.89 -20.83 -10.17
C GLU D 339 17.05 -20.71 -9.17
N GLY D 340 18.23 -20.36 -9.68
CA GLY D 340 19.43 -20.10 -8.86
C GLY D 340 19.20 -18.93 -7.92
N TRP D 341 18.51 -17.90 -8.43
CA TRP D 341 18.16 -16.67 -7.66
C TRP D 341 17.17 -17.01 -6.54
N ILE D 342 16.24 -17.92 -6.83
CA ILE D 342 15.25 -18.50 -5.87
C ILE D 342 16.03 -19.21 -4.73
N ARG D 343 17.01 -20.03 -5.08
CA ARG D 343 17.85 -20.78 -4.10
C ARG D 343 18.66 -19.78 -3.26
N ARG D 344 19.25 -18.79 -3.94
CA ARG D 344 20.09 -17.74 -3.30
C ARG D 344 19.23 -16.93 -2.34
N ARG D 345 17.99 -16.65 -2.74
CA ARG D 345 16.99 -15.93 -1.92
C ARG D 345 16.59 -16.82 -0.73
N LEU D 346 16.46 -18.12 -0.97
CA LEU D 346 16.06 -19.10 0.07
C LEU D 346 17.22 -19.40 1.04
N ARG D 347 18.45 -19.08 0.66
CA ARG D 347 19.64 -19.22 1.54
C ARG D 347 19.69 -18.11 2.59
N LEU D 348 19.24 -16.92 2.21
CA LEU D 348 19.26 -15.70 3.06
C LEU D 348 18.43 -15.95 4.33
N CYS D 349 17.24 -16.51 4.15
CA CYS D 349 16.30 -16.79 5.25
C CYS D 349 16.89 -17.86 6.17
N GLN D 350 17.55 -18.86 5.58
CA GLN D 350 18.18 -19.97 6.33
C GLN D 350 19.39 -19.47 7.13
N TRP D 351 20.13 -18.49 6.60
CA TRP D 351 21.34 -17.93 7.24
C TRP D 351 20.96 -17.12 8.49
N LEU D 352 19.97 -16.25 8.34
CA LEU D 352 19.46 -15.36 9.42
C LEU D 352 18.86 -16.19 10.56
N GLN D 353 18.29 -17.34 10.21
CA GLN D 353 17.67 -18.27 11.21
C GLN D 353 18.73 -18.68 12.24
N TRP D 354 19.97 -18.88 11.78
CA TRP D 354 21.12 -19.18 12.67
C TRP D 354 21.58 -17.84 13.20
N LYS D 355 21.06 -17.45 14.37
CA LYS D 355 21.25 -16.11 14.95
C LYS D 355 22.65 -16.07 15.57
N ARG D 356 23.02 -17.14 16.27
CA ARG D 356 24.31 -17.25 17.00
C ARG D 356 25.44 -17.64 16.02
N VAL D 357 26.64 -17.14 16.30
CA VAL D 357 27.89 -17.55 15.61
C VAL D 357 28.21 -19.00 15.97
N ARG D 358 27.80 -19.48 17.14
CA ARG D 358 28.04 -20.87 17.61
C ARG D 358 27.08 -21.84 16.93
N THR D 359 25.86 -21.38 16.66
CA THR D 359 24.81 -22.19 15.99
C THR D 359 25.19 -22.41 14.52
N ARG D 360 25.78 -21.40 13.88
CA ARG D 360 26.36 -21.48 12.50
C ARG D 360 27.38 -22.61 12.41
N ILE D 361 28.32 -22.65 13.34
CA ILE D 361 29.51 -23.55 13.34
C ILE D 361 29.05 -25.00 13.45
N ARG D 362 28.10 -25.26 14.34
CA ARG D 362 27.63 -26.63 14.68
C ARG D 362 26.77 -27.18 13.53
N GLU D 363 25.98 -26.35 12.86
CA GLU D 363 25.12 -26.79 11.72
C GLU D 363 25.98 -27.05 10.48
N LEU D 364 26.89 -26.12 10.16
CA LEU D 364 27.72 -26.16 8.93
C LEU D 364 28.60 -27.42 8.97
N ARG D 365 29.08 -27.75 10.16
CA ARG D 365 29.91 -28.95 10.43
C ARG D 365 29.03 -30.19 10.23
N ALA D 366 27.77 -30.11 10.66
CA ALA D 366 26.74 -31.18 10.52
C ALA D 366 26.42 -31.42 9.04
N LEU D 367 26.39 -30.35 8.24
CA LEU D 367 26.04 -30.37 6.79
C LEU D 367 27.13 -31.07 5.97
N GLY D 368 28.37 -31.09 6.48
CA GLY D 368 29.48 -31.83 5.85
C GLY D 368 30.58 -30.91 5.34
N LEU D 369 30.41 -29.59 5.52
CA LEU D 369 31.41 -28.60 5.06
C LEU D 369 32.63 -28.68 5.98
N LYS D 370 33.81 -28.57 5.37
CA LYS D 370 35.12 -28.70 6.06
C LYS D 370 35.31 -27.59 7.09
N GLU D 371 35.96 -27.93 8.21
CA GLU D 371 36.05 -27.08 9.44
C GLU D 371 36.77 -25.76 9.12
N THR D 372 37.73 -25.82 8.21
CA THR D 372 38.47 -24.65 7.65
C THR D 372 37.49 -23.59 7.16
N ALA D 373 36.57 -23.99 6.29
CA ALA D 373 35.60 -23.06 5.66
C ALA D 373 34.50 -22.71 6.67
N VAL D 374 34.23 -23.58 7.64
CA VAL D 374 33.15 -23.38 8.65
C VAL D 374 33.47 -22.15 9.50
N MET D 375 34.72 -22.00 9.94
CA MET D 375 35.12 -20.92 10.87
C MET D 375 35.35 -19.61 10.12
N GLU D 376 35.67 -19.67 8.83
CA GLU D 376 35.95 -18.46 8.02
C GLU D 376 34.67 -17.65 7.81
N ILE D 377 33.64 -18.26 7.21
CA ILE D 377 32.40 -17.55 6.75
C ILE D 377 31.52 -17.20 7.95
N ALA D 378 31.52 -18.05 8.97
CA ALA D 378 30.75 -17.84 10.23
C ALA D 378 31.10 -16.49 10.86
N ASN D 379 32.38 -16.12 10.82
CA ASN D 379 32.87 -14.88 11.48
C ASN D 379 32.93 -13.75 10.45
N THR D 380 32.18 -13.88 9.35
CA THR D 380 32.11 -12.80 8.31
C THR D 380 31.56 -11.51 8.92
N ARG D 381 32.14 -10.38 8.53
CA ARG D 381 31.66 -9.04 8.94
C ARG D 381 30.82 -8.43 7.81
N LYS D 382 30.65 -9.17 6.71
CA LYS D 382 29.91 -8.67 5.52
C LYS D 382 28.42 -8.96 5.72
N GLY D 383 27.61 -8.27 4.93
CA GLY D 383 26.14 -8.28 5.04
C GLY D 383 25.53 -9.65 4.77
N ALA D 384 24.26 -9.78 5.12
CA ALA D 384 23.44 -11.01 4.97
C ALA D 384 23.36 -11.45 3.49
N TRP D 385 22.99 -10.53 2.60
CA TRP D 385 22.85 -10.81 1.15
C TRP D 385 24.22 -11.03 0.51
N ARG D 386 25.26 -10.43 1.09
CA ARG D 386 26.67 -10.57 0.66
C ARG D 386 27.18 -11.97 1.01
N THR D 387 26.85 -12.48 2.20
CA THR D 387 27.24 -13.83 2.69
C THR D 387 26.54 -14.96 1.93
N THR D 388 25.32 -14.72 1.44
CA THR D 388 24.50 -15.69 0.65
C THR D 388 25.18 -16.04 -0.67
N LYS D 389 25.98 -15.13 -1.22
CA LYS D 389 26.66 -15.29 -2.53
C LYS D 389 28.16 -15.58 -2.38
N THR D 390 28.60 -16.09 -1.23
CA THR D 390 30.01 -16.47 -0.94
C THR D 390 30.28 -17.93 -1.29
N PRO D 391 31.52 -18.29 -1.72
CA PRO D 391 31.85 -19.67 -2.08
C PRO D 391 31.40 -20.77 -1.09
N GLN D 392 31.43 -20.44 0.21
CA GLN D 392 31.15 -21.40 1.32
C GLN D 392 29.66 -21.78 1.33
N LEU D 393 28.79 -20.79 1.22
CA LEU D 393 27.33 -20.99 1.39
C LEU D 393 26.73 -21.58 0.12
N HIS D 394 27.39 -21.44 -1.03
CA HIS D 394 26.94 -22.09 -2.30
C HIS D 394 27.25 -23.59 -2.24
N GLN D 395 28.49 -23.93 -1.94
CA GLN D 395 28.98 -25.33 -1.79
C GLN D 395 28.47 -25.96 -0.49
N ALA D 396 28.46 -25.19 0.60
CA ALA D 396 27.99 -25.67 1.93
C ALA D 396 26.52 -26.09 1.82
N LEU D 397 25.69 -25.20 1.28
CA LEU D 397 24.27 -25.49 1.05
C LEU D 397 24.03 -25.38 -0.45
N GLY D 398 24.16 -26.49 -1.18
CA GLY D 398 24.13 -26.51 -2.65
C GLY D 398 22.79 -26.88 -3.26
N LYS D 399 22.76 -26.85 -4.59
CA LYS D 399 21.62 -27.29 -5.43
C LYS D 399 21.30 -28.72 -4.93
N THR D 400 22.35 -29.39 -4.49
CA THR D 400 22.27 -30.69 -3.79
C THR D 400 21.39 -30.55 -2.55
N TYR D 401 21.66 -29.51 -1.75
CA TYR D 401 21.10 -29.34 -0.38
C TYR D 401 19.60 -29.10 -0.47
N TRP D 402 19.19 -28.13 -1.30
CA TRP D 402 17.78 -27.67 -1.39
C TRP D 402 16.91 -28.76 -2.01
N THR D 403 17.48 -29.48 -2.98
CA THR D 403 16.81 -30.59 -3.70
C THR D 403 16.60 -31.75 -2.74
N ALA D 404 17.56 -32.00 -1.85
CA ALA D 404 17.48 -33.02 -0.77
C ALA D 404 16.52 -32.57 0.36
N GLN D 405 16.47 -31.26 0.61
CA GLN D 405 15.59 -30.64 1.62
C GLN D 405 14.15 -30.57 1.12
N GLY D 406 13.90 -31.05 -0.10
CA GLY D 406 12.54 -31.22 -0.65
C GLY D 406 12.14 -30.15 -1.65
N LEU D 407 13.05 -29.23 -2.00
CA LEU D 407 12.74 -28.16 -2.97
C LEU D 407 12.62 -28.74 -4.39
N LYS D 408 11.53 -28.38 -5.08
CA LYS D 408 11.23 -28.88 -6.43
C LYS D 408 11.96 -28.01 -7.46
N SER D 409 12.68 -28.65 -8.38
CA SER D 409 13.49 -27.95 -9.40
C SER D 409 12.56 -27.36 -10.45
N LEU D 410 12.68 -26.06 -10.66
CA LEU D 410 11.89 -25.28 -11.64
C LEU D 410 12.16 -25.80 -13.05
N THR D 411 13.44 -25.81 -13.44
CA THR D 411 13.90 -26.21 -14.79
C THR D 411 13.56 -27.68 -15.08
N GLN D 412 13.75 -28.55 -14.08
CA GLN D 412 13.45 -30.01 -14.18
C GLN D 412 12.00 -30.18 -14.66
N ARG D 413 11.06 -29.54 -14.00
CA ARG D 413 9.61 -29.69 -14.28
C ARG D 413 9.25 -28.99 -15.58
N TYR D 414 9.94 -27.90 -15.90
CA TYR D 414 9.80 -27.20 -17.20
C TYR D 414 9.99 -28.20 -18.35
N PHE D 415 11.02 -29.03 -18.25
CA PHE D 415 11.38 -30.03 -19.29
C PHE D 415 10.38 -31.19 -19.24
N GLU D 416 10.03 -31.62 -18.03
CA GLU D 416 9.07 -32.74 -17.80
C GLU D 416 7.73 -32.43 -18.49
N LEU D 417 7.30 -31.18 -18.37
CA LEU D 417 6.05 -30.71 -19.04
C LEU D 417 6.32 -30.65 -20.56
N ARG D 418 7.56 -30.32 -20.93
CA ARG D 418 8.03 -30.33 -22.33
C ARG D 418 7.89 -31.74 -22.92
N GLN D 419 8.36 -32.77 -22.19
CA GLN D 419 8.30 -34.21 -22.57
C GLN D 419 6.91 -34.55 -23.13
PG DTP I . 3.97 12.59 28.50
O1G DTP I . 4.50 11.38 27.78
O2G DTP I . 4.25 12.56 29.98
O3G DTP I . 2.51 12.86 28.17
PB DTP I . 6.20 13.72 27.13
O1B DTP I . 6.87 12.44 27.54
O2B DTP I . 6.96 15.00 27.25
O3B DTP I . 4.81 13.82 27.90
PA DTP I . 5.59 12.27 24.69
O1A DTP I . 5.80 11.08 25.57
O2A DTP I . 4.36 12.37 23.86
O3A DTP I . 5.69 13.58 25.62
O5' DTP I . 6.87 12.49 23.74
C5' DTP I . 8.18 12.08 24.21
C4' DTP I . 9.18 13.19 24.02
O4' DTP I . 9.27 13.49 22.61
C3' DTP I . 8.85 14.52 24.68
O3' DTP I . 9.26 14.55 26.05
C2' DTP I . 9.70 15.47 23.85
C1' DTP I . 9.63 14.87 22.45
N9 DTP I . 8.65 15.53 21.61
C8 DTP I . 7.39 15.11 21.25
N7 DTP I . 6.76 15.96 20.48
C5 DTP I . 7.66 17.02 20.33
C6 DTP I . 7.60 18.22 19.63
N6 DTP I . 6.55 18.58 18.89
N1 DTP I . 8.68 19.04 19.68
C2 DTP I . 9.73 18.65 20.42
N3 DTP I . 9.91 17.54 21.13
C4 DTP I . 8.82 16.76 21.04
S SO4 J . -18.75 8.20 -4.97
O1 SO4 J . -18.22 8.75 -6.19
O2 SO4 J . -19.52 7.04 -5.31
O3 SO4 J . -17.66 7.82 -4.11
O4 SO4 J . -19.58 9.14 -4.30
MG MG K . 6.34 10.42 27.48
S SO4 L . 10.09 2.71 4.63
O1 SO4 L . 10.39 1.48 3.93
O2 SO4 L . 8.66 2.83 4.79
O3 SO4 L . 10.72 2.68 5.92
O4 SO4 L . 10.58 3.84 3.88
PG DTP M . -8.15 -0.48 -18.04
O1G DTP M . -7.69 -1.44 -19.10
O2G DTP M . -8.78 0.77 -18.59
O3G DTP M . -7.06 -0.20 -17.01
PB DTP M . -10.26 -2.41 -17.84
O1B DTP M . -10.35 -2.27 -19.31
O2B DTP M . -11.52 -2.43 -17.05
O3B DTP M . -9.31 -1.27 -17.27
PA DTP M . -8.35 -4.54 -18.37
O1A DTP M . -7.05 -4.63 -17.63
O2A DTP M . -8.33 -3.93 -19.74
O3A DTP M . -9.40 -3.70 -17.49
O5' DTP M . -9.05 -5.99 -18.40
C5' DTP M . -10.16 -6.22 -19.31
C4' DTP M . -11.39 -6.60 -18.54
O4' DTP M . -11.15 -7.83 -17.83
C3' DTP M . -11.85 -5.61 -17.48
O3' DTP M . -12.66 -4.60 -18.05
C2' DTP M . -12.64 -6.50 -16.52
C1' DTP M . -11.93 -7.85 -16.63
N9 DTP M . -11.05 -8.14 -15.49
C8 DTP M . -9.69 -8.30 -15.50
N7 DTP M . -9.19 -8.56 -14.32
C5 DTP M . -10.30 -8.59 -13.48
C6 DTP M . -10.45 -8.82 -12.10
N6 DTP M . -9.43 -9.08 -11.29
N1 DTP M . -11.70 -8.76 -11.59
C2 DTP M . -12.73 -8.49 -12.42
N3 DTP M . -12.70 -8.27 -13.74
C4 DTP M . -11.46 -8.32 -14.21
S SO4 N . 22.96 -22.73 -4.98
O1 SO4 N . 21.81 -23.13 -5.73
O2 SO4 N . 24.13 -22.84 -5.79
O3 SO4 N . 23.09 -23.59 -3.82
O4 SO4 N . 22.78 -21.36 -4.55
MG MG O . -8.83 -2.14 -20.72
#